data_7POS
#
_entry.id   7POS
#
_cell.length_a   142.250
_cell.length_b   64.490
_cell.length_c   116.490
_cell.angle_alpha   90.000
_cell.angle_beta   102.440
_cell.angle_gamma   90.000
#
_symmetry.space_group_name_H-M   'C 1 2 1'
#
loop_
_entity.id
_entity.type
_entity.pdbx_description
1 polymer 'Phosphatidylinositol 4,5-bisphosphate 3-kinase catalytic subunit delta isoform'
2 non-polymer 5-(3,6-dihydro-2~{H}-pyran-4-yl)-2-methoxy-~{N}-[5-[3-(4-propan-2-ylpiperazin-1-yl)prop-1-ynyl]pyridin-3-yl]pyridine-3-sulfonamide
3 water water
#
_entity_poly.entity_id   1
_entity_poly.type   'polypeptide(L)'
_entity_poly.pdbx_seq_one_letter_code
;GGDRVKKLINSQISLLIGKGLHEFDSLRDPEVNDFRTKMRQFCEEAAAHRQQLGWVEWLQYSFPLQLEPSARGWRAGLLR
VSNRALLVNVKFEGSEESFTFQVSTKDMPLALMACALRKKATVFRQPLVEQPEEYALQVNGRHEYLYGNYPLCHFQYICS
CLHSGLTPHLTMVHSSSILAMRDEQSNPAPQVQKPRAKPPPIPAKKPSSVSLWSLEQPFSIELIEGRKVNADERMKLVVQ
AGLFHGNEMLCKTVSSSEVNVCSEPVWKQRLEFDISVCDLPRMARLCFALYAVVEKAKKARSTKKKSKKADCPIAWANLM
LFDYKDQLKTGERCLYMWPSVPDEKGELLNPAGTVRGNPNTESAAALVIYLPEVAPHPVYFPALEKILELGRHGERGRIT
EEEQLQLREILERRGSGELYEHEKDLVWKMRHEVQEHFPEALARLLLVTKWNKHEDVAQMLYLLCSWPELPVLSALELLD
FSFPDCYVGSFAIKSLRKLTDDELFQYLLQLVQVLKYESYLDCELTKFLLGRALANRKIGHFLFWHLRSEMHVPSVALRF
GLIMEAYCRGSTHHMKVLMKQGEALSKLKALNDFVKVSSQKTTKPQTKEMMHMCMRQETYMEALSHLQSPLDPSTLLEEV
CVEQCTFMDSKMKPLWIMYSSEEAGSAGNVGIIFKNGDDLRQDMLTLQMIQLMDVLWKQEGLDLRMTPYGCLPTGDRTGL
IEVVLHSDTIANIQLNKSNMAATAAFNKDALLNWLKSKNPGEALDRAIEEFTLSCAGYCVATYVLGIGDRHSDNIMIRES
GQLFHIDFGHFLGNFKTKFGINRERVPFILTYDFVHVIQQGKTNNSEKFERFRGYCERAYTILRRHGLLFLHLFALMRAA
GLPELSCSKDIQYLKDSLALGKTEEEALKHFRVKFNEALRESWKTKVNWLAHNVSKDNRQ
;
_entity_poly.pdbx_strand_id   A
#
# COMPACT_ATOMS: atom_id res chain seq x y z
N ARG A 4 -28.06 20.25 -15.25
CA ARG A 4 -28.92 19.85 -14.14
C ARG A 4 -28.27 18.71 -13.35
N VAL A 5 -27.69 17.74 -14.07
CA VAL A 5 -27.03 16.59 -13.46
C VAL A 5 -25.59 16.90 -13.13
N LYS A 6 -24.91 17.71 -13.97
CA LYS A 6 -23.51 18.08 -13.77
C LYS A 6 -23.33 18.81 -12.46
N LYS A 7 -24.26 19.69 -12.10
CA LYS A 7 -24.21 20.44 -10.85
C LYS A 7 -24.25 19.46 -9.68
N LEU A 8 -25.18 18.49 -9.74
CA LEU A 8 -25.32 17.45 -8.73
C LEU A 8 -24.05 16.61 -8.66
N ILE A 9 -23.53 16.11 -9.79
CA ILE A 9 -22.32 15.31 -9.81
C ILE A 9 -21.13 16.06 -9.24
N ASN A 10 -20.87 17.29 -9.70
CA ASN A 10 -19.77 18.11 -9.19
C ASN A 10 -19.90 18.35 -7.68
N SER A 11 -21.13 18.52 -7.17
CA SER A 11 -21.33 18.74 -5.74
C SER A 11 -21.15 17.44 -4.93
N GLN A 12 -21.46 16.29 -5.54
CA GLN A 12 -21.26 15.01 -4.89
C GLN A 12 -19.78 14.68 -4.85
N ILE A 13 -19.04 14.96 -5.95
CA ILE A 13 -17.57 14.76 -6.00
C ILE A 13 -16.91 15.60 -4.92
N SER A 14 -17.26 16.90 -4.82
CA SER A 14 -16.72 17.81 -3.82
C SER A 14 -16.92 17.28 -2.38
N LEU A 15 -18.11 16.77 -2.08
CA LEU A 15 -18.42 16.18 -0.78
C LEU A 15 -17.52 14.95 -0.53
N LEU A 16 -17.48 14.01 -1.50
CA LEU A 16 -16.69 12.77 -1.40
C LEU A 16 -15.18 13.00 -1.20
N ILE A 17 -14.54 13.79 -2.05
CA ILE A 17 -13.10 14.00 -1.97
C ILE A 17 -12.69 14.94 -0.81
N GLY A 18 -13.65 15.60 -0.15
CA GLY A 18 -13.35 16.51 0.95
C GLY A 18 -12.64 17.77 0.51
N LYS A 19 -12.99 18.30 -0.68
CA LYS A 19 -12.43 19.53 -1.27
C LYS A 19 -13.32 20.00 -2.41
N GLY A 20 -13.76 21.26 -2.36
CA GLY A 20 -14.61 21.82 -3.40
C GLY A 20 -13.89 21.93 -4.73
N LEU A 21 -14.53 21.50 -5.83
CA LEU A 21 -13.94 21.56 -7.17
C LEU A 21 -13.71 23.01 -7.65
N HIS A 22 -14.40 23.99 -7.02
CA HIS A 22 -14.27 25.42 -7.32
C HIS A 22 -12.83 25.88 -7.04
N GLU A 23 -12.18 25.31 -6.00
CA GLU A 23 -10.81 25.60 -5.57
C GLU A 23 -9.78 25.20 -6.62
N PHE A 24 -10.13 24.28 -7.54
CA PHE A 24 -9.24 23.89 -8.62
C PHE A 24 -9.29 25.01 -9.68
N ASP A 25 -10.49 25.50 -10.02
CA ASP A 25 -10.71 26.56 -10.99
C ASP A 25 -10.12 27.88 -10.51
N SER A 26 -10.25 28.16 -9.19
CA SER A 26 -9.77 29.37 -8.53
C SER A 26 -8.26 29.54 -8.55
N LEU A 27 -7.50 28.46 -8.74
CA LEU A 27 -6.05 28.54 -8.81
C LEU A 27 -5.56 29.16 -10.13
N ARG A 28 -6.38 29.07 -11.19
CA ARG A 28 -6.07 29.57 -12.53
C ARG A 28 -4.72 29.04 -13.02
N ASP A 29 -4.51 27.72 -12.91
CA ASP A 29 -3.27 27.10 -13.36
C ASP A 29 -3.53 26.25 -14.61
N PRO A 30 -2.84 26.55 -15.73
CA PRO A 30 -3.05 25.75 -16.95
C PRO A 30 -2.77 24.26 -16.79
N GLU A 31 -1.73 23.88 -16.02
CA GLU A 31 -1.37 22.48 -15.75
C GLU A 31 -2.53 21.78 -15.03
N VAL A 32 -3.11 22.45 -14.06
CA VAL A 32 -4.24 21.90 -13.32
C VAL A 32 -5.45 21.67 -14.25
N ASN A 33 -5.80 22.67 -15.09
CA ASN A 33 -6.93 22.57 -16.01
C ASN A 33 -6.74 21.55 -17.09
N ASP A 34 -5.50 21.39 -17.57
CA ASP A 34 -5.17 20.41 -18.63
C ASP A 34 -5.15 18.99 -18.12
N PHE A 35 -4.84 18.80 -16.81
CA PHE A 35 -4.92 17.49 -16.20
C PHE A 35 -6.41 17.14 -16.11
N ARG A 36 -7.24 18.06 -15.61
CA ARG A 36 -8.67 17.82 -15.47
C ARG A 36 -9.38 17.54 -16.80
N THR A 37 -8.99 18.22 -17.89
CA THR A 37 -9.69 18.01 -19.16
C THR A 37 -9.20 16.73 -19.82
N LYS A 38 -7.89 16.48 -19.78
CA LYS A 38 -7.33 15.29 -20.38
C LYS A 38 -7.72 14.02 -19.62
N MET A 39 -7.67 14.06 -18.28
CA MET A 39 -8.03 12.89 -17.47
C MET A 39 -9.52 12.62 -17.43
N ARG A 40 -10.35 13.66 -17.58
CA ARG A 40 -11.79 13.46 -17.66
C ARG A 40 -12.12 12.70 -18.95
N GLN A 41 -11.48 13.07 -20.07
CA GLN A 41 -11.69 12.38 -21.34
C GLN A 41 -11.26 10.89 -21.23
N PHE A 42 -10.03 10.63 -20.71
CA PHE A 42 -9.49 9.28 -20.51
C PHE A 42 -10.38 8.43 -19.60
N CYS A 43 -10.93 9.03 -18.55
CA CYS A 43 -11.78 8.29 -17.60
C CYS A 43 -13.20 8.03 -18.15
N GLU A 44 -13.71 8.94 -18.96
CA GLU A 44 -14.99 8.76 -19.64
C GLU A 44 -14.89 7.67 -20.72
N GLU A 45 -13.74 7.57 -21.39
CA GLU A 45 -13.55 6.50 -22.39
C GLU A 45 -13.61 5.12 -21.72
N ALA A 46 -12.98 5.01 -20.53
CA ALA A 46 -12.96 3.77 -19.76
C ALA A 46 -14.37 3.40 -19.34
N ALA A 47 -15.17 4.38 -18.87
CA ALA A 47 -16.55 4.16 -18.44
C ALA A 47 -17.46 3.67 -19.56
N ALA A 48 -17.30 4.23 -20.78
CA ALA A 48 -18.10 3.84 -21.94
C ALA A 48 -17.72 2.44 -22.35
N HIS A 49 -16.41 2.12 -22.40
CA HIS A 49 -15.91 0.76 -22.71
C HIS A 49 -16.58 -0.28 -21.82
N ARG A 50 -16.68 0.04 -20.55
CA ARG A 50 -17.22 -0.81 -19.54
C ARG A 50 -18.70 -1.10 -19.74
N GLN A 51 -19.47 -0.09 -20.14
CA GLN A 51 -20.91 -0.27 -20.30
C GLN A 51 -21.30 -1.26 -21.41
N GLN A 52 -20.37 -1.54 -22.33
CA GLN A 52 -20.62 -2.49 -23.38
C GLN A 52 -19.94 -3.86 -23.12
N LEU A 53 -19.30 -4.05 -21.96
CA LEU A 53 -18.63 -5.31 -21.60
C LEU A 53 -19.62 -6.47 -21.59
N GLY A 54 -19.13 -7.66 -21.90
CA GLY A 54 -19.94 -8.86 -21.81
C GLY A 54 -20.25 -9.16 -20.36
N TRP A 55 -21.34 -9.88 -20.06
CA TRP A 55 -21.75 -10.15 -18.70
C TRP A 55 -20.67 -10.87 -17.83
N VAL A 56 -19.79 -11.68 -18.41
CA VAL A 56 -18.70 -12.30 -17.64
C VAL A 56 -17.56 -11.29 -17.41
N GLU A 57 -17.34 -10.39 -18.38
CA GLU A 57 -16.38 -9.30 -18.25
C GLU A 57 -16.85 -8.27 -17.21
N TRP A 58 -18.17 -8.11 -17.03
CA TRP A 58 -18.69 -7.23 -15.99
C TRP A 58 -18.42 -7.87 -14.59
N LEU A 59 -18.48 -9.21 -14.49
CA LEU A 59 -18.17 -9.89 -13.25
C LEU A 59 -16.71 -9.69 -12.93
N GLN A 60 -15.79 -9.75 -13.93
CA GLN A 60 -14.36 -9.54 -13.72
C GLN A 60 -14.04 -8.12 -13.31
N TYR A 61 -14.87 -7.15 -13.67
CA TYR A 61 -14.67 -5.75 -13.30
C TYR A 61 -15.15 -5.54 -11.86
N SER A 62 -16.36 -5.98 -11.55
CA SER A 62 -17.01 -5.70 -10.29
C SER A 62 -16.68 -6.65 -9.15
N PHE A 63 -16.60 -7.93 -9.48
CA PHE A 63 -16.38 -8.97 -8.53
C PHE A 63 -15.14 -9.75 -8.98
N PRO A 64 -13.94 -9.13 -9.05
CA PRO A 64 -12.76 -9.91 -9.51
C PRO A 64 -12.52 -11.14 -8.64
N LEU A 65 -12.12 -12.25 -9.26
CA LEU A 65 -11.92 -13.49 -8.53
C LEU A 65 -10.95 -13.39 -7.35
N GLN A 66 -11.25 -14.14 -6.29
CA GLN A 66 -10.42 -14.21 -5.09
C GLN A 66 -9.95 -15.62 -5.02
N LEU A 67 -8.77 -15.84 -5.56
CA LEU A 67 -8.17 -17.15 -5.63
C LEU A 67 -7.05 -17.35 -4.62
N GLU A 68 -6.75 -18.61 -4.30
CA GLU A 68 -5.64 -18.98 -3.43
C GLU A 68 -4.32 -18.68 -4.15
N PRO A 69 -3.30 -18.17 -3.43
CA PRO A 69 -2.00 -17.89 -4.07
C PRO A 69 -1.40 -19.02 -4.93
N SER A 70 -1.62 -20.28 -4.55
CA SER A 70 -1.10 -21.42 -5.32
C SER A 70 -1.86 -21.70 -6.63
N ALA A 71 -3.06 -21.14 -6.78
CA ALA A 71 -3.87 -21.29 -7.99
C ALA A 71 -3.51 -20.29 -9.10
N ARG A 72 -2.66 -19.31 -8.79
CA ARG A 72 -2.25 -18.25 -9.73
C ARG A 72 -1.05 -18.68 -10.58
N ASN A 83 -11.41 -36.35 -5.27
CA ASN A 83 -10.31 -36.00 -4.38
C ASN A 83 -10.80 -35.90 -2.93
N ARG A 84 -11.75 -35.00 -2.64
CA ARG A 84 -12.29 -34.86 -1.29
C ARG A 84 -13.77 -34.45 -1.35
N ALA A 85 -14.61 -35.00 -0.45
CA ALA A 85 -16.03 -34.65 -0.40
C ALA A 85 -16.22 -33.22 0.15
N LEU A 86 -17.22 -32.50 -0.38
CA LEU A 86 -17.50 -31.14 -0.02
C LEU A 86 -18.99 -30.94 -0.10
N LEU A 87 -19.63 -30.56 0.99
CA LEU A 87 -21.08 -30.34 1.00
C LEU A 87 -21.39 -28.89 0.66
N VAL A 88 -22.08 -28.63 -0.45
CA VAL A 88 -22.42 -27.26 -0.83
C VAL A 88 -23.93 -26.99 -0.76
N ASN A 89 -24.32 -25.77 -0.37
CA ASN A 89 -25.73 -25.36 -0.36
C ASN A 89 -25.92 -24.34 -1.47
N VAL A 90 -26.84 -24.63 -2.40
CA VAL A 90 -27.09 -23.75 -3.53
C VAL A 90 -28.57 -23.40 -3.60
N LYS A 91 -28.85 -22.12 -3.75
CA LYS A 91 -30.20 -21.65 -3.94
C LYS A 91 -30.24 -20.81 -5.25
N PHE A 92 -31.42 -20.43 -5.72
CA PHE A 92 -31.53 -19.58 -6.91
C PHE A 92 -31.85 -18.15 -6.47
N GLU A 93 -31.51 -17.15 -7.30
CA GLU A 93 -31.68 -15.72 -6.93
C GLU A 93 -33.02 -15.33 -6.21
N GLY A 94 -34.17 -15.53 -6.84
CA GLY A 94 -35.44 -15.13 -6.23
C GLY A 94 -36.13 -16.19 -5.40
N SER A 95 -35.37 -17.21 -4.96
CA SER A 95 -35.94 -18.33 -4.24
C SER A 95 -35.72 -18.33 -2.74
N GLU A 96 -36.55 -19.09 -2.04
CA GLU A 96 -36.52 -19.31 -0.60
C GLU A 96 -35.94 -20.72 -0.34
N GLU A 97 -36.31 -21.70 -1.18
CA GLU A 97 -35.83 -23.08 -1.07
C GLU A 97 -34.35 -23.21 -1.44
N SER A 98 -33.71 -24.27 -0.95
CA SER A 98 -32.29 -24.51 -1.21
C SER A 98 -32.01 -25.98 -1.45
N PHE A 99 -30.85 -26.29 -2.03
CA PHE A 99 -30.45 -27.64 -2.34
C PHE A 99 -29.10 -27.92 -1.74
N THR A 100 -28.99 -28.98 -0.95
CA THR A 100 -27.72 -29.36 -0.36
C THR A 100 -27.19 -30.61 -1.04
N PHE A 101 -26.04 -30.50 -1.72
CA PHE A 101 -25.45 -31.66 -2.40
C PHE A 101 -23.96 -31.80 -2.16
N GLN A 102 -23.49 -33.03 -2.17
CA GLN A 102 -22.09 -33.33 -1.95
C GLN A 102 -21.37 -33.40 -3.29
N VAL A 103 -20.47 -32.43 -3.52
CA VAL A 103 -19.61 -32.30 -4.70
C VAL A 103 -18.12 -32.53 -4.28
N SER A 104 -17.16 -32.50 -5.23
CA SER A 104 -15.75 -32.67 -4.90
C SER A 104 -14.95 -31.34 -5.02
N THR A 105 -13.95 -31.15 -4.14
CA THR A 105 -13.04 -30.00 -4.17
C THR A 105 -12.28 -29.88 -5.53
N LYS A 106 -12.31 -30.94 -6.36
CA LYS A 106 -11.68 -31.00 -7.67
C LYS A 106 -12.63 -30.49 -8.79
N ASP A 107 -13.95 -30.45 -8.53
CA ASP A 107 -14.95 -30.02 -9.52
C ASP A 107 -14.91 -28.53 -9.76
N MET A 108 -15.36 -28.10 -10.92
CA MET A 108 -15.38 -26.68 -11.28
C MET A 108 -16.77 -26.08 -11.08
N PRO A 109 -16.92 -24.73 -11.00
CA PRO A 109 -18.27 -24.17 -10.79
C PRO A 109 -19.31 -24.69 -11.78
N LEU A 110 -18.99 -24.79 -13.08
CA LEU A 110 -19.89 -25.30 -14.12
C LEU A 110 -20.55 -26.62 -13.78
N ALA A 111 -19.79 -27.59 -13.26
CA ALA A 111 -20.34 -28.90 -12.88
C ALA A 111 -21.34 -28.76 -11.75
N LEU A 112 -21.04 -27.89 -10.79
CA LEU A 112 -21.86 -27.61 -9.63
C LEU A 112 -23.14 -26.86 -10.05
N MET A 113 -23.04 -25.97 -11.04
CA MET A 113 -24.19 -25.23 -11.56
C MET A 113 -25.08 -26.20 -12.36
N ALA A 114 -24.47 -27.08 -13.19
CA ALA A 114 -25.22 -28.10 -13.93
C ALA A 114 -25.90 -29.05 -12.94
N CYS A 115 -25.26 -29.35 -11.82
CA CYS A 115 -25.85 -30.19 -10.80
C CYS A 115 -27.02 -29.46 -10.11
N ALA A 116 -26.92 -28.14 -9.92
CA ALA A 116 -28.00 -27.36 -9.32
C ALA A 116 -29.20 -27.25 -10.28
N LEU A 117 -28.94 -27.23 -11.59
CA LEU A 117 -30.01 -27.17 -12.59
C LEU A 117 -30.73 -28.53 -12.72
N ARG A 118 -30.02 -29.65 -12.51
CA ARG A 118 -30.67 -30.97 -12.54
C ARG A 118 -31.50 -31.19 -11.27
N LYS A 119 -31.07 -30.64 -10.13
CA LYS A 119 -31.81 -30.74 -8.89
C LYS A 119 -33.10 -29.88 -8.98
N LYS A 120 -33.04 -28.75 -9.71
CA LYS A 120 -34.15 -27.82 -9.88
C LYS A 120 -35.12 -28.29 -11.00
N ALA A 121 -34.61 -29.05 -11.98
CA ALA A 121 -35.45 -29.57 -13.06
C ALA A 121 -36.40 -30.66 -12.54
N THR A 122 -35.97 -31.45 -11.54
CA THR A 122 -36.85 -32.46 -10.95
C THR A 122 -37.84 -31.79 -9.98
N VAL A 123 -37.37 -30.81 -9.20
CA VAL A 123 -38.21 -30.06 -8.26
C VAL A 123 -39.33 -29.30 -9.01
N PHE A 124 -39.03 -28.76 -10.21
CA PHE A 124 -40.03 -28.02 -10.98
C PHE A 124 -40.63 -28.79 -12.16
N ARG A 125 -40.39 -30.12 -12.22
CA ARG A 125 -40.93 -31.01 -13.25
C ARG A 125 -40.83 -30.45 -14.69
N GLN A 126 -39.65 -29.96 -15.10
CA GLN A 126 -39.50 -29.37 -16.43
C GLN A 126 -38.07 -29.44 -16.97
N PRO A 127 -37.87 -29.91 -18.23
CA PRO A 127 -36.52 -29.87 -18.82
C PRO A 127 -36.11 -28.41 -19.01
N LEU A 128 -35.08 -27.96 -18.28
CA LEU A 128 -34.69 -26.56 -18.32
C LEU A 128 -33.98 -26.11 -19.62
N VAL A 129 -34.43 -24.96 -20.14
CA VAL A 129 -33.87 -24.29 -21.32
C VAL A 129 -32.49 -23.72 -20.94
N GLU A 130 -32.41 -23.08 -19.74
CA GLU A 130 -31.21 -22.46 -19.18
C GLU A 130 -30.13 -23.50 -18.93
N GLN A 131 -28.95 -23.25 -19.47
CA GLN A 131 -27.78 -24.11 -19.38
C GLN A 131 -26.84 -23.56 -18.30
N PRO A 132 -25.93 -24.40 -17.74
CA PRO A 132 -25.02 -23.88 -16.68
C PRO A 132 -24.16 -22.69 -17.07
N GLU A 133 -23.79 -22.60 -18.35
CA GLU A 133 -22.99 -21.55 -18.97
C GLU A 133 -23.61 -20.15 -18.82
N GLU A 134 -24.91 -20.05 -18.63
CA GLU A 134 -25.64 -18.79 -18.49
C GLU A 134 -25.60 -18.21 -17.08
N TYR A 135 -25.00 -18.91 -16.11
CA TYR A 135 -24.99 -18.52 -14.72
C TYR A 135 -23.60 -18.25 -14.15
N ALA A 136 -23.59 -17.70 -12.93
CA ALA A 136 -22.45 -17.45 -12.06
C ALA A 136 -22.91 -17.76 -10.64
N LEU A 137 -21.99 -18.17 -9.77
CA LEU A 137 -22.35 -18.47 -8.38
C LEU A 137 -21.95 -17.32 -7.45
N GLN A 138 -22.92 -16.66 -6.81
CA GLN A 138 -22.60 -15.62 -5.85
C GLN A 138 -22.41 -16.21 -4.46
N VAL A 139 -21.41 -15.75 -3.70
CA VAL A 139 -21.26 -16.17 -2.30
C VAL A 139 -22.41 -15.43 -1.54
N ASN A 140 -23.22 -16.17 -0.76
CA ASN A 140 -24.40 -15.57 -0.10
C ASN A 140 -24.07 -14.33 0.77
N GLY A 141 -24.76 -13.24 0.48
CA GLY A 141 -24.61 -11.97 1.20
C GLY A 141 -23.29 -11.22 1.00
N ARG A 142 -22.56 -11.50 -0.08
CA ARG A 142 -21.28 -10.83 -0.35
C ARG A 142 -21.18 -10.36 -1.79
N HIS A 143 -20.28 -9.41 -2.08
CA HIS A 143 -19.98 -9.01 -3.44
C HIS A 143 -18.85 -9.91 -3.88
N GLU A 144 -19.14 -11.21 -3.93
CA GLU A 144 -18.13 -12.19 -4.29
C GLU A 144 -18.76 -13.24 -5.15
N TYR A 145 -18.07 -13.65 -6.22
CA TYR A 145 -18.59 -14.63 -7.14
C TYR A 145 -17.58 -15.74 -7.42
N LEU A 146 -18.08 -16.90 -7.79
CA LEU A 146 -17.33 -18.07 -8.19
C LEU A 146 -17.65 -18.29 -9.68
N TYR A 147 -16.62 -18.29 -10.51
CA TYR A 147 -16.77 -18.44 -11.96
C TYR A 147 -15.39 -18.72 -12.59
N GLY A 148 -15.39 -19.17 -13.84
CA GLY A 148 -14.15 -19.50 -14.56
C GLY A 148 -13.74 -20.95 -14.41
N ASN A 149 -12.78 -21.41 -15.26
CA ASN A 149 -12.34 -22.81 -15.16
C ASN A 149 -11.34 -23.02 -14.02
N TYR A 150 -11.84 -23.16 -12.79
CA TYR A 150 -11.00 -23.33 -11.61
C TYR A 150 -11.68 -24.32 -10.72
N PRO A 151 -10.96 -25.32 -10.17
CA PRO A 151 -11.60 -26.23 -9.22
C PRO A 151 -12.02 -25.48 -7.96
N LEU A 152 -13.08 -25.95 -7.29
CA LEU A 152 -13.65 -25.27 -6.15
C LEU A 152 -12.64 -24.90 -5.05
N CYS A 153 -11.71 -25.79 -4.70
CA CYS A 153 -10.75 -25.51 -3.64
C CYS A 153 -9.77 -24.38 -3.98
N HIS A 154 -9.66 -23.99 -5.28
CA HIS A 154 -8.79 -22.86 -5.67
C HIS A 154 -9.35 -21.50 -5.26
N PHE A 155 -10.67 -21.39 -4.99
CA PHE A 155 -11.29 -20.13 -4.56
C PHE A 155 -11.05 -19.93 -3.08
N GLN A 156 -10.81 -18.67 -2.66
CA GLN A 156 -10.54 -18.31 -1.27
C GLN A 156 -11.72 -18.55 -0.35
N TYR A 157 -12.93 -18.43 -0.87
CA TYR A 157 -14.13 -18.69 -0.07
C TYR A 157 -14.28 -20.20 0.18
N ILE A 158 -14.10 -21.04 -0.85
CA ILE A 158 -14.24 -22.48 -0.68
C ILE A 158 -13.13 -23.01 0.22
N CYS A 159 -11.89 -22.48 0.06
CA CYS A 159 -10.78 -22.93 0.91
C CYS A 159 -10.98 -22.55 2.38
N SER A 160 -11.42 -21.33 2.67
CA SER A 160 -11.65 -20.94 4.06
C SER A 160 -12.78 -21.77 4.73
N CYS A 161 -13.76 -22.19 3.93
CA CYS A 161 -14.87 -23.01 4.40
C CYS A 161 -14.36 -24.39 4.84
N LEU A 162 -13.38 -24.96 4.11
CA LEU A 162 -12.77 -26.24 4.42
C LEU A 162 -11.98 -26.22 5.72
N HIS A 163 -11.29 -25.12 6.02
CA HIS A 163 -10.54 -25.00 7.26
C HIS A 163 -11.52 -24.83 8.42
N SER A 164 -12.42 -23.84 8.34
CA SER A 164 -13.39 -23.58 9.41
C SER A 164 -14.47 -24.68 9.60
N GLY A 165 -14.47 -25.69 8.73
CA GLY A 165 -15.41 -26.80 8.79
C GLY A 165 -16.72 -26.53 8.09
N LEU A 166 -17.16 -25.27 8.13
CA LEU A 166 -18.40 -24.71 7.55
C LEU A 166 -18.70 -25.06 6.08
N THR A 167 -19.98 -25.03 5.71
CA THR A 167 -20.53 -25.35 4.39
C THR A 167 -20.79 -24.09 3.52
N PRO A 168 -20.21 -24.05 2.32
CA PRO A 168 -20.47 -22.89 1.43
C PRO A 168 -21.93 -22.68 1.05
N HIS A 169 -22.42 -21.46 1.15
CA HIS A 169 -23.76 -21.11 0.73
C HIS A 169 -23.61 -20.19 -0.51
N LEU A 170 -24.03 -20.69 -1.68
CA LEU A 170 -23.92 -20.02 -2.97
C LEU A 170 -25.29 -19.82 -3.63
N THR A 171 -25.40 -18.81 -4.49
CA THR A 171 -26.66 -18.49 -5.17
C THR A 171 -26.44 -18.45 -6.67
N MET A 172 -27.29 -19.15 -7.42
CA MET A 172 -27.25 -19.14 -8.87
C MET A 172 -27.83 -17.82 -9.38
N VAL A 173 -26.99 -16.99 -9.98
CA VAL A 173 -27.42 -15.74 -10.57
C VAL A 173 -27.29 -15.91 -12.07
N HIS A 174 -28.33 -15.56 -12.81
CA HIS A 174 -28.33 -15.68 -14.26
C HIS A 174 -27.68 -14.46 -14.87
N SER A 175 -27.25 -14.57 -16.12
CA SER A 175 -26.63 -13.50 -16.87
C SER A 175 -27.50 -12.25 -16.99
N SER A 176 -28.82 -12.41 -17.18
CA SER A 176 -29.78 -11.29 -17.32
C SER A 176 -29.81 -10.38 -16.09
N SER A 177 -29.63 -10.97 -14.92
CA SER A 177 -29.62 -10.25 -13.67
C SER A 177 -28.28 -9.51 -13.52
N ILE A 178 -27.16 -10.11 -13.98
CA ILE A 178 -25.83 -9.51 -13.96
C ILE A 178 -25.79 -8.30 -14.92
N LEU A 179 -26.44 -8.43 -16.10
CA LEU A 179 -26.56 -7.39 -17.12
C LEU A 179 -27.41 -6.25 -16.59
N ALA A 180 -28.48 -6.57 -15.82
CA ALA A 180 -29.32 -5.55 -15.21
C ALA A 180 -28.48 -4.73 -14.20
N MET A 181 -27.50 -5.35 -13.49
CA MET A 181 -26.63 -4.59 -12.59
C MET A 181 -25.77 -3.66 -13.41
N ARG A 182 -25.16 -4.17 -14.52
CA ARG A 182 -24.32 -3.37 -15.43
C ARG A 182 -25.03 -2.13 -15.89
N ASP A 183 -26.30 -2.26 -16.27
CA ASP A 183 -27.07 -1.13 -16.77
C ASP A 183 -27.49 -0.17 -15.67
N GLU A 184 -27.90 -0.68 -14.51
CA GLU A 184 -28.25 0.15 -13.35
C GLU A 184 -27.06 1.04 -12.92
N GLN A 185 -25.83 0.57 -13.13
CA GLN A 185 -24.61 1.25 -12.71
C GLN A 185 -23.99 2.15 -13.74
N SER A 186 -24.66 2.39 -14.86
CA SER A 186 -24.17 3.24 -15.93
C SER A 186 -23.92 4.67 -15.50
N ASN A 187 -22.96 5.32 -16.16
CA ASN A 187 -22.67 6.73 -15.96
C ASN A 187 -23.83 7.46 -16.65
N PRO A 188 -24.36 8.53 -16.06
CA PRO A 188 -25.49 9.24 -16.70
C PRO A 188 -25.24 9.61 -18.18
N ALA A 189 -26.33 9.67 -18.97
CA ALA A 189 -26.28 9.95 -20.41
C ALA A 189 -25.69 11.30 -20.78
N SER A 211 16.93 26.29 -29.64
CA SER A 211 17.45 25.02 -29.14
C SER A 211 18.09 25.20 -27.76
N LEU A 212 17.95 24.18 -26.91
CA LEU A 212 18.54 24.18 -25.57
C LEU A 212 20.04 23.88 -25.65
N TRP A 213 20.44 22.94 -26.53
CA TRP A 213 21.83 22.49 -26.65
C TRP A 213 22.80 23.49 -27.22
N SER A 214 22.31 24.63 -27.71
CA SER A 214 23.22 25.67 -28.21
C SER A 214 23.40 26.83 -27.22
N LEU A 215 23.01 26.64 -25.94
CA LEU A 215 23.18 27.62 -24.88
C LEU A 215 24.26 27.09 -23.92
N GLU A 216 25.55 27.26 -24.26
CA GLU A 216 26.64 26.76 -23.40
C GLU A 216 27.02 27.70 -22.24
N GLN A 217 26.19 28.74 -21.98
CA GLN A 217 26.40 29.69 -20.88
C GLN A 217 26.16 29.00 -19.52
N PRO A 218 26.72 29.50 -18.41
CA PRO A 218 26.49 28.81 -17.12
C PRO A 218 25.10 29.08 -16.54
N PHE A 219 24.49 28.09 -15.86
CA PHE A 219 23.18 28.28 -15.24
C PHE A 219 23.31 29.12 -13.98
N SER A 220 22.43 30.12 -13.84
CA SER A 220 22.42 30.99 -12.66
C SER A 220 21.02 31.56 -12.42
N ILE A 221 20.74 31.98 -11.19
CA ILE A 221 19.47 32.63 -10.84
C ILE A 221 19.77 33.90 -10.04
N GLU A 222 18.77 34.77 -9.86
CA GLU A 222 18.94 35.94 -9.02
C GLU A 222 18.06 35.77 -7.77
N LEU A 223 18.67 35.81 -6.59
CA LEU A 223 17.95 35.69 -5.32
C LEU A 223 17.55 37.10 -4.95
N ILE A 224 16.32 37.50 -5.28
CA ILE A 224 15.86 38.85 -5.03
C ILE A 224 15.64 39.11 -3.53
N GLU A 225 14.60 38.54 -2.91
CA GLU A 225 14.30 38.81 -1.50
C GLU A 225 13.55 37.63 -0.82
N GLY A 226 13.01 37.89 0.37
CA GLY A 226 12.24 36.98 1.21
C GLY A 226 11.12 37.74 1.89
N ARG A 227 10.02 37.04 2.20
CA ARG A 227 8.85 37.63 2.84
C ARG A 227 8.35 36.76 3.99
N LYS A 228 7.68 37.37 4.99
CA LYS A 228 7.10 36.68 6.13
C LYS A 228 8.04 35.73 6.88
N VAL A 229 9.33 36.06 6.94
CA VAL A 229 10.36 35.25 7.58
C VAL A 229 10.39 35.41 9.11
N ASN A 230 10.46 34.31 9.85
CA ASN A 230 10.54 34.35 11.32
C ASN A 230 11.78 33.65 11.84
N ALA A 231 12.62 34.40 12.57
CA ALA A 231 13.86 33.90 13.15
C ALA A 231 14.33 34.79 14.36
N ASP A 232 15.28 34.26 15.18
CA ASP A 232 15.89 34.95 16.29
C ASP A 232 16.66 36.15 15.71
N GLU A 233 16.42 37.36 16.21
CA GLU A 233 17.01 38.57 15.63
C GLU A 233 18.54 38.70 15.86
N ARG A 234 19.10 37.90 16.79
CA ARG A 234 20.54 37.91 17.07
C ARG A 234 21.38 37.28 15.93
N MET A 235 20.76 36.41 15.13
CA MET A 235 21.39 35.63 14.08
C MET A 235 21.31 36.27 12.66
N LYS A 236 21.91 35.61 11.64
CA LYS A 236 21.90 36.10 10.27
C LYS A 236 21.28 35.03 9.34
N LEU A 237 20.52 35.45 8.32
CA LEU A 237 19.90 34.56 7.35
C LEU A 237 20.83 34.15 6.24
N VAL A 238 20.74 32.87 5.83
CA VAL A 238 21.51 32.30 4.74
C VAL A 238 20.56 31.49 3.84
N VAL A 239 20.76 31.55 2.52
CA VAL A 239 19.96 30.80 1.57
C VAL A 239 20.87 29.87 0.77
N GLN A 240 20.76 28.55 1.00
CA GLN A 240 21.54 27.53 0.31
C GLN A 240 20.72 26.96 -0.86
N ALA A 241 21.32 26.81 -2.03
CA ALA A 241 20.64 26.35 -3.22
C ALA A 241 21.49 25.33 -3.99
N GLY A 242 20.84 24.32 -4.54
CA GLY A 242 21.54 23.28 -5.29
C GLY A 242 20.69 22.65 -6.36
N LEU A 243 21.32 22.21 -7.46
CA LEU A 243 20.60 21.60 -8.57
C LEU A 243 20.67 20.10 -8.42
N PHE A 244 19.52 19.43 -8.51
CA PHE A 244 19.46 18.00 -8.33
C PHE A 244 18.76 17.24 -9.46
N HIS A 245 19.19 16.00 -9.67
CA HIS A 245 18.52 15.10 -10.59
C HIS A 245 18.15 13.90 -9.70
N GLY A 246 17.11 14.09 -8.93
CA GLY A 246 16.69 13.10 -7.95
C GLY A 246 17.50 13.32 -6.68
N ASN A 247 18.35 12.35 -6.32
CA ASN A 247 19.17 12.50 -5.13
C ASN A 247 20.55 13.08 -5.42
N GLU A 248 21.09 12.86 -6.62
CA GLU A 248 22.41 13.40 -6.96
C GLU A 248 22.41 14.89 -7.31
N MET A 249 23.45 15.59 -6.87
CA MET A 249 23.64 16.98 -7.24
C MET A 249 24.17 17.00 -8.68
N LEU A 250 23.67 17.92 -9.50
CA LEU A 250 24.16 18.12 -10.86
C LEU A 250 25.48 18.98 -10.88
N CYS A 251 25.72 19.70 -9.77
CA CYS A 251 26.87 20.55 -9.48
C CYS A 251 26.88 20.82 -7.96
N LYS A 252 28.00 21.37 -7.44
CA LYS A 252 28.10 21.65 -6.01
C LYS A 252 27.08 22.73 -5.57
N THR A 253 26.73 22.74 -4.29
CA THR A 253 25.76 23.74 -3.82
C THR A 253 26.40 25.13 -3.76
N VAL A 254 25.53 26.17 -3.77
CA VAL A 254 25.93 27.58 -3.68
C VAL A 254 25.21 28.22 -2.49
N SER A 255 25.82 29.26 -1.91
CA SER A 255 25.20 29.95 -0.79
C SER A 255 25.07 31.43 -1.05
N SER A 256 24.11 32.05 -0.43
CA SER A 256 23.89 33.47 -0.58
C SER A 256 24.83 34.24 0.38
N SER A 257 24.89 35.57 0.27
CA SER A 257 25.65 36.37 1.22
C SER A 257 24.78 36.41 2.49
N GLU A 258 25.41 36.34 3.67
CA GLU A 258 24.72 36.41 4.94
C GLU A 258 24.08 37.78 5.08
N VAL A 259 22.79 37.81 5.45
CA VAL A 259 22.00 39.02 5.55
C VAL A 259 21.24 39.03 6.90
N ASN A 260 21.25 40.15 7.62
CA ASN A 260 20.59 40.27 8.92
C ASN A 260 19.13 39.77 8.97
N VAL A 261 18.79 38.97 10.03
CA VAL A 261 17.45 38.42 10.27
C VAL A 261 16.42 39.56 10.34
N CYS A 262 15.25 39.33 9.73
CA CYS A 262 14.08 40.23 9.70
C CYS A 262 12.93 39.62 8.87
N SER A 263 11.71 40.21 8.94
CA SER A 263 10.55 39.74 8.20
C SER A 263 10.79 39.72 6.70
N GLU A 264 11.42 40.79 6.17
CA GLU A 264 11.67 40.85 4.73
C GLU A 264 13.14 40.98 4.38
N PRO A 265 13.88 39.86 4.35
CA PRO A 265 15.31 39.94 3.97
C PRO A 265 15.49 40.21 2.48
N VAL A 266 16.51 40.99 2.12
CA VAL A 266 16.72 41.34 0.72
C VAL A 266 18.16 41.06 0.30
N TRP A 267 18.34 40.27 -0.79
CA TRP A 267 19.66 39.91 -1.31
C TRP A 267 20.04 40.62 -2.60
N LYS A 268 19.21 40.51 -3.67
CA LYS A 268 19.41 41.10 -5.00
C LYS A 268 20.74 40.63 -5.61
N GLN A 269 21.05 39.33 -5.48
CA GLN A 269 22.31 38.81 -5.97
C GLN A 269 22.25 37.54 -6.81
N ARG A 270 23.20 37.42 -7.73
CA ARG A 270 23.35 36.28 -8.61
C ARG A 270 23.95 35.11 -7.87
N LEU A 271 23.34 33.93 -8.03
CA LEU A 271 23.86 32.69 -7.49
C LEU A 271 24.24 31.92 -8.72
N GLU A 272 25.54 31.73 -8.94
CA GLU A 272 25.99 31.03 -10.12
C GLU A 272 26.47 29.62 -9.82
N PHE A 273 25.78 28.63 -10.42
CA PHE A 273 26.05 27.20 -10.31
C PHE A 273 26.95 26.78 -11.48
N ASP A 274 27.92 25.88 -11.22
CA ASP A 274 28.79 25.43 -12.32
C ASP A 274 28.20 24.22 -13.06
N ILE A 275 27.41 24.53 -14.10
CA ILE A 275 26.79 23.60 -15.05
C ILE A 275 26.25 24.44 -16.22
N SER A 276 26.49 24.00 -17.44
CA SER A 276 26.00 24.70 -18.62
C SER A 276 24.49 24.60 -18.71
N VAL A 277 23.80 25.67 -19.12
CA VAL A 277 22.35 25.65 -19.33
C VAL A 277 21.94 24.54 -20.33
N CYS A 278 22.82 24.19 -21.27
CA CYS A 278 22.55 23.13 -22.24
C CYS A 278 22.62 21.72 -21.64
N ASP A 279 23.34 21.55 -20.51
CA ASP A 279 23.49 20.25 -19.85
C ASP A 279 22.38 19.92 -18.86
N LEU A 280 21.54 20.91 -18.49
CA LEU A 280 20.43 20.74 -17.56
C LEU A 280 19.51 19.61 -18.03
N PRO A 281 19.44 18.49 -17.27
CA PRO A 281 18.56 17.39 -17.68
C PRO A 281 17.10 17.79 -17.51
N ARG A 282 16.21 17.12 -18.28
CA ARG A 282 14.79 17.45 -18.34
C ARG A 282 14.14 17.49 -16.96
N MET A 283 14.55 16.58 -16.06
CA MET A 283 13.98 16.44 -14.71
C MET A 283 14.78 17.15 -13.62
N ALA A 284 15.62 18.13 -14.00
CA ALA A 284 16.41 18.86 -13.03
C ALA A 284 15.53 19.69 -12.13
N ARG A 285 15.85 19.72 -10.83
CA ARG A 285 15.10 20.53 -9.89
C ARG A 285 16.05 21.38 -9.02
N LEU A 286 15.72 22.65 -8.88
CA LEU A 286 16.48 23.62 -8.10
C LEU A 286 15.87 23.69 -6.71
N CYS A 287 16.66 23.27 -5.72
CA CYS A 287 16.25 23.16 -4.33
C CYS A 287 16.75 24.30 -3.45
N PHE A 288 15.88 24.85 -2.62
CA PHE A 288 16.21 25.97 -1.75
C PHE A 288 16.10 25.66 -0.30
N ALA A 289 16.93 26.29 0.51
CA ALA A 289 16.87 26.18 1.96
C ALA A 289 17.29 27.49 2.62
N LEU A 290 16.33 28.17 3.23
CA LEU A 290 16.61 29.36 4.00
C LEU A 290 16.82 28.89 5.44
N TYR A 291 17.75 29.53 6.15
CA TYR A 291 17.98 29.23 7.54
C TYR A 291 18.69 30.38 8.28
N ALA A 292 18.80 30.28 9.60
CA ALA A 292 19.50 31.26 10.41
C ALA A 292 20.82 30.64 10.90
N VAL A 293 21.84 31.48 11.04
CA VAL A 293 23.15 31.04 11.49
C VAL A 293 23.73 32.02 12.54
N VAL A 294 24.75 31.59 13.28
CA VAL A 294 25.37 32.44 14.30
C VAL A 294 26.50 33.30 13.69
N ASP A 311 23.44 26.77 13.36
CA ASP A 311 22.58 26.00 12.45
C ASP A 311 21.12 25.92 12.91
N CYS A 312 20.28 26.85 12.40
CA CYS A 312 18.86 26.91 12.74
C CYS A 312 18.05 26.86 11.45
N PRO A 313 17.51 25.68 11.09
CA PRO A 313 16.74 25.59 9.84
C PRO A 313 15.42 26.34 9.93
N ILE A 314 14.96 26.91 8.81
CA ILE A 314 13.72 27.69 8.83
C ILE A 314 12.72 27.13 7.81
N ALA A 315 13.13 27.06 6.55
CA ALA A 315 12.23 26.63 5.50
C ALA A 315 12.97 26.05 4.27
N TRP A 316 12.25 25.31 3.41
CA TRP A 316 12.77 24.74 2.17
C TRP A 316 11.73 24.93 1.05
N ALA A 317 12.15 24.85 -0.21
CA ALA A 317 11.26 24.95 -1.37
C ALA A 317 11.98 24.43 -2.59
N ASN A 318 11.28 23.73 -3.49
CA ASN A 318 11.91 23.24 -4.72
C ASN A 318 11.08 23.60 -5.92
N LEU A 319 11.71 23.66 -7.08
CA LEU A 319 11.02 23.87 -8.33
C LEU A 319 11.73 23.15 -9.47
N MET A 320 10.97 22.74 -10.48
CA MET A 320 11.54 22.11 -11.66
C MET A 320 12.03 23.24 -12.59
N LEU A 321 13.22 23.12 -13.16
CA LEU A 321 13.74 24.16 -14.06
C LEU A 321 12.95 24.26 -15.35
N PHE A 322 12.43 23.15 -15.84
CA PHE A 322 11.56 23.12 -17.01
C PHE A 322 10.10 22.97 -16.50
N ASP A 323 9.13 23.43 -17.28
CA ASP A 323 7.73 23.34 -16.90
C ASP A 323 7.09 22.03 -17.42
N TYR A 324 5.77 21.85 -17.22
CA TYR A 324 5.09 20.63 -17.64
C TYR A 324 5.00 20.46 -19.16
N LYS A 325 5.00 21.57 -19.90
CA LYS A 325 5.00 21.54 -21.37
C LYS A 325 6.44 21.56 -21.95
N ASP A 326 7.44 21.12 -21.16
CA ASP A 326 8.85 21.00 -21.54
C ASP A 326 9.61 22.32 -21.76
N GLN A 327 9.01 23.49 -21.43
CA GLN A 327 9.69 24.77 -21.64
C GLN A 327 10.53 25.23 -20.45
N LEU A 328 11.71 25.80 -20.73
CA LEU A 328 12.62 26.32 -19.70
C LEU A 328 11.93 27.48 -18.98
N LYS A 329 12.07 27.55 -17.66
CA LYS A 329 11.38 28.59 -16.90
C LYS A 329 12.13 29.91 -16.86
N THR A 330 11.40 31.03 -17.13
CA THR A 330 11.96 32.39 -17.11
C THR A 330 10.97 33.33 -16.42
N GLY A 331 11.49 34.44 -15.91
CA GLY A 331 10.68 35.44 -15.22
C GLY A 331 10.84 35.35 -13.72
N GLU A 332 9.96 36.03 -12.99
CA GLU A 332 10.02 35.99 -11.53
C GLU A 332 9.14 34.86 -11.00
N ARG A 333 9.57 34.22 -9.93
CA ARG A 333 8.77 33.18 -9.28
C ARG A 333 8.71 33.47 -7.79
N CYS A 334 7.55 33.29 -7.19
CA CYS A 334 7.41 33.43 -5.75
C CYS A 334 7.31 32.01 -5.16
N LEU A 335 8.32 31.63 -4.38
CA LEU A 335 8.40 30.31 -3.77
C LEU A 335 7.86 30.28 -2.36
N TYR A 336 6.61 29.85 -2.22
CA TYR A 336 5.98 29.76 -0.90
C TYR A 336 6.56 28.53 -0.21
N MET A 337 7.46 28.79 0.74
CA MET A 337 8.27 27.81 1.44
C MET A 337 7.55 26.95 2.46
N TRP A 338 8.07 25.72 2.62
CA TRP A 338 7.60 24.72 3.56
C TRP A 338 8.46 24.77 4.82
N PRO A 339 7.84 24.63 6.00
CA PRO A 339 8.61 24.71 7.25
C PRO A 339 9.53 23.52 7.49
N SER A 340 10.79 23.79 7.84
CA SER A 340 11.80 22.75 8.04
C SER A 340 11.76 22.05 9.39
N VAL A 341 12.26 20.81 9.42
CA VAL A 341 12.37 19.88 10.56
C VAL A 341 11.17 19.97 11.53
N LEU A 348 20.25 19.69 5.04
CA LEU A 348 19.26 20.76 5.21
C LEU A 348 18.45 20.96 3.92
N LEU A 349 19.13 20.83 2.75
CA LEU A 349 18.52 20.95 1.42
C LEU A 349 17.68 19.67 1.16
N ASN A 350 16.40 19.81 0.79
CA ASN A 350 15.52 18.64 0.64
C ASN A 350 15.11 18.27 -0.82
N PRO A 351 15.92 17.55 -1.63
CA PRO A 351 15.50 17.28 -3.03
C PRO A 351 14.23 16.45 -3.23
N ALA A 352 13.97 15.44 -2.39
CA ALA A 352 12.76 14.60 -2.54
C ALA A 352 11.44 15.35 -2.30
N GLY A 353 11.50 16.46 -1.56
CA GLY A 353 10.33 17.27 -1.28
C GLY A 353 9.61 17.76 -2.52
N THR A 354 8.32 18.06 -2.39
CA THR A 354 7.49 18.51 -3.48
C THR A 354 8.05 19.77 -4.21
N VAL A 355 7.78 19.85 -5.51
CA VAL A 355 8.19 20.95 -6.37
C VAL A 355 7.08 22.00 -6.56
N ARG A 356 6.06 21.98 -5.69
CA ARG A 356 4.93 22.90 -5.70
C ARG A 356 4.91 23.63 -4.35
N GLY A 357 4.53 24.90 -4.39
CA GLY A 357 4.56 25.77 -3.23
C GLY A 357 3.53 25.46 -2.18
N ASN A 358 3.81 25.90 -0.94
CA ASN A 358 2.93 25.75 0.21
C ASN A 358 1.65 26.53 -0.08
N PRO A 359 0.50 25.85 -0.07
CA PRO A 359 -0.77 26.53 -0.40
C PRO A 359 -1.21 27.58 0.61
N ASN A 360 -0.62 27.58 1.81
CA ASN A 360 -0.93 28.49 2.91
C ASN A 360 -0.14 29.79 2.69
N THR A 361 -0.52 30.58 1.66
CA THR A 361 0.17 31.83 1.29
C THR A 361 0.05 32.94 2.35
N GLU A 362 -1.00 32.94 3.16
CA GLU A 362 -1.19 33.96 4.19
C GLU A 362 -0.23 33.83 5.38
N SER A 363 0.59 32.78 5.45
CA SER A 363 1.49 32.59 6.59
C SER A 363 2.86 32.01 6.22
N ALA A 364 3.02 31.49 5.00
CA ALA A 364 4.28 30.89 4.57
C ALA A 364 5.33 31.93 4.22
N ALA A 365 6.59 31.65 4.56
CA ALA A 365 7.71 32.50 4.20
C ALA A 365 7.89 32.38 2.68
N ALA A 366 8.09 33.49 1.97
CA ALA A 366 8.21 33.41 0.52
C ALA A 366 9.51 33.94 -0.04
N LEU A 367 10.31 33.07 -0.67
CA LEU A 367 11.53 33.49 -1.32
C LEU A 367 11.14 34.00 -2.70
N VAL A 368 11.71 35.13 -3.12
CA VAL A 368 11.45 35.70 -4.43
C VAL A 368 12.71 35.48 -5.24
N ILE A 369 12.58 34.81 -6.38
CA ILE A 369 13.74 34.50 -7.22
C ILE A 369 13.48 34.91 -8.68
N TYR A 370 14.55 35.14 -9.46
CA TYR A 370 14.41 35.47 -10.87
C TYR A 370 15.13 34.44 -11.74
N LEU A 371 14.41 33.87 -12.69
CA LEU A 371 14.97 32.92 -13.63
C LEU A 371 15.26 33.72 -14.89
N PRO A 372 16.55 33.90 -15.23
CA PRO A 372 16.88 34.75 -16.38
C PRO A 372 16.50 34.18 -17.74
N GLU A 373 16.32 35.07 -18.71
CA GLU A 373 15.97 34.66 -20.06
C GLU A 373 17.25 34.37 -20.82
N VAL A 374 17.42 33.11 -21.19
CA VAL A 374 18.61 32.67 -21.90
C VAL A 374 18.55 32.96 -23.42
N ALA A 375 17.47 33.61 -23.92
CA ALA A 375 17.24 33.93 -25.33
C ALA A 375 16.05 34.90 -25.45
N PRO A 378 11.60 31.53 -25.86
CA PRO A 378 10.93 30.25 -25.61
C PRO A 378 11.84 29.09 -25.99
N VAL A 379 12.46 28.46 -24.97
CA VAL A 379 13.38 27.35 -25.19
C VAL A 379 12.81 26.08 -24.59
N TYR A 380 12.43 25.12 -25.44
CA TYR A 380 11.88 23.86 -24.95
C TYR A 380 12.97 22.79 -24.88
N PHE A 381 12.74 21.72 -24.10
CA PHE A 381 13.66 20.60 -24.04
C PHE A 381 13.58 19.86 -25.39
N PRO A 382 14.72 19.48 -25.97
CA PRO A 382 14.69 18.82 -27.30
C PRO A 382 13.82 17.57 -27.32
N ALA A 383 13.13 17.32 -28.45
CA ALA A 383 12.25 16.15 -28.56
C ALA A 383 13.07 14.84 -28.60
N LEU A 384 12.43 13.70 -28.28
CA LEU A 384 13.10 12.40 -28.27
C LEU A 384 13.82 12.06 -29.58
N GLU A 385 13.28 12.49 -30.74
CA GLU A 385 13.96 12.24 -32.02
C GLU A 385 15.28 12.99 -32.11
N LYS A 386 15.35 14.22 -31.59
CA LYS A 386 16.60 14.99 -31.58
C LYS A 386 17.61 14.28 -30.65
N ILE A 387 17.13 13.83 -29.46
CA ILE A 387 17.91 13.10 -28.44
C ILE A 387 18.47 11.79 -28.98
N LEU A 388 17.61 10.97 -29.61
CA LEU A 388 17.94 9.69 -30.21
C LEU A 388 18.89 9.85 -31.39
N GLU A 389 18.80 10.98 -32.12
CA GLU A 389 19.75 11.25 -33.20
C GLU A 389 21.12 11.48 -32.58
N LEU A 390 21.21 12.35 -31.57
CA LEU A 390 22.46 12.62 -30.88
C LEU A 390 23.11 11.37 -30.23
N GLY A 391 22.28 10.53 -29.62
CA GLY A 391 22.70 9.31 -28.93
C GLY A 391 23.04 8.16 -29.83
N ARG A 392 22.52 8.17 -31.06
CA ARG A 392 22.76 7.19 -32.13
C ARG A 392 24.27 7.07 -32.49
N HIS A 393 25.05 8.10 -32.15
CA HIS A 393 26.47 8.13 -32.44
C HIS A 393 27.29 7.92 -31.17
N GLY A 394 28.13 6.89 -31.16
CA GLY A 394 28.99 6.59 -30.03
C GLY A 394 30.00 5.49 -30.33
N GLU A 395 30.92 5.22 -29.39
CA GLU A 395 31.91 4.15 -29.57
C GLU A 395 31.46 2.94 -28.72
N ARG A 396 31.55 1.71 -29.29
CA ARG A 396 31.10 0.50 -28.59
C ARG A 396 32.22 -0.20 -27.76
N GLY A 397 31.83 -1.14 -26.89
CA GLY A 397 32.75 -1.88 -26.03
C GLY A 397 33.54 -2.91 -26.81
N ARG A 398 34.88 -2.92 -26.65
CA ARG A 398 35.73 -3.83 -27.42
C ARG A 398 37.03 -4.24 -26.72
N ILE A 399 37.00 -4.50 -25.41
CA ILE A 399 38.21 -4.91 -24.70
C ILE A 399 38.13 -6.41 -24.28
N THR A 400 39.30 -7.03 -23.99
CA THR A 400 39.52 -8.45 -23.66
C THR A 400 38.57 -9.06 -22.60
N GLU A 401 38.48 -10.40 -22.59
CA GLU A 401 37.69 -11.19 -21.64
C GLU A 401 38.12 -10.96 -20.18
N GLU A 402 39.32 -10.40 -19.94
CA GLU A 402 39.77 -10.07 -18.59
C GLU A 402 39.03 -8.81 -18.08
N GLU A 403 38.72 -7.87 -18.99
CA GLU A 403 37.92 -6.68 -18.65
C GLU A 403 36.45 -7.10 -18.49
N GLN A 404 35.97 -8.04 -19.33
CA GLN A 404 34.61 -8.59 -19.25
C GLN A 404 34.41 -9.46 -17.99
N LEU A 405 35.49 -10.02 -17.43
CA LEU A 405 35.44 -10.80 -16.20
C LEU A 405 35.19 -9.87 -15.01
N GLN A 406 35.79 -8.67 -15.02
CA GLN A 406 35.59 -7.67 -13.98
C GLN A 406 34.16 -7.09 -14.06
N LEU A 407 33.63 -6.96 -15.30
CA LEU A 407 32.27 -6.49 -15.61
C LEU A 407 31.27 -7.52 -15.07
N ARG A 408 31.53 -8.81 -15.31
CA ARG A 408 30.64 -9.88 -14.86
C ARG A 408 30.62 -10.03 -13.34
N GLU A 409 31.73 -9.69 -12.67
CA GLU A 409 31.80 -9.80 -11.21
C GLU A 409 31.03 -8.69 -10.53
N ILE A 410 31.11 -7.46 -11.07
CA ILE A 410 30.44 -6.31 -10.45
C ILE A 410 28.96 -6.19 -10.80
N LEU A 411 28.48 -6.88 -11.84
CA LEU A 411 27.06 -6.84 -12.18
C LEU A 411 26.22 -7.94 -11.48
N GLU A 412 26.87 -8.86 -10.76
CA GLU A 412 26.18 -9.95 -10.06
C GLU A 412 26.33 -9.91 -8.53
N ARG A 413 27.10 -8.95 -7.99
CA ARG A 413 27.31 -8.83 -6.55
C ARG A 413 26.24 -7.95 -5.91
N GLU A 418 26.98 -0.46 -4.97
CA GLU A 418 28.04 0.37 -4.39
C GLU A 418 29.37 0.02 -5.04
N LEU A 419 29.93 0.92 -5.87
CA LEU A 419 31.21 0.62 -6.54
C LEU A 419 32.16 1.83 -6.62
N TYR A 420 33.48 1.55 -6.76
CA TYR A 420 34.51 2.58 -6.86
C TYR A 420 34.47 3.31 -8.21
N GLU A 421 35.11 4.49 -8.28
CA GLU A 421 35.08 5.32 -9.50
C GLU A 421 35.59 4.61 -10.75
N HIS A 422 36.63 3.76 -10.66
CA HIS A 422 37.11 3.04 -11.86
C HIS A 422 36.10 2.02 -12.38
N GLU A 423 35.23 1.50 -11.49
CA GLU A 423 34.18 0.56 -11.89
C GLU A 423 33.02 1.30 -12.59
N LYS A 424 32.78 2.58 -12.25
CA LYS A 424 31.77 3.38 -12.92
C LYS A 424 32.21 3.62 -14.37
N ASP A 425 33.51 3.92 -14.57
CA ASP A 425 34.09 4.12 -15.90
C ASP A 425 34.08 2.83 -16.71
N LEU A 426 34.23 1.67 -16.05
CA LEU A 426 34.17 0.35 -16.68
C LEU A 426 32.73 0.08 -17.13
N VAL A 427 31.75 0.27 -16.22
CA VAL A 427 30.34 0.00 -16.53
C VAL A 427 29.82 0.91 -17.63
N TRP A 428 30.21 2.20 -17.62
CA TRP A 428 29.76 3.11 -18.67
C TRP A 428 30.40 2.78 -20.00
N LYS A 429 31.69 2.43 -20.02
CA LYS A 429 32.41 2.07 -21.24
C LYS A 429 31.77 0.85 -21.90
N MET A 430 31.38 -0.12 -21.08
CA MET A 430 30.78 -1.36 -21.57
C MET A 430 29.26 -1.31 -21.63
N ARG A 431 28.66 -0.11 -21.69
CA ARG A 431 27.19 0.07 -21.73
C ARG A 431 26.46 -0.77 -22.77
N HIS A 432 27.06 -1.00 -23.95
CA HIS A 432 26.46 -1.80 -25.02
C HIS A 432 26.36 -3.27 -24.66
N GLU A 433 27.35 -3.74 -23.91
CA GLU A 433 27.38 -5.13 -23.49
C GLU A 433 26.39 -5.41 -22.35
N VAL A 434 26.10 -4.39 -21.50
CA VAL A 434 25.14 -4.56 -20.42
C VAL A 434 23.73 -4.63 -21.04
N GLN A 435 23.44 -3.79 -22.06
CA GLN A 435 22.17 -3.82 -22.78
C GLN A 435 21.83 -5.19 -23.34
N GLU A 436 22.80 -5.89 -23.95
CA GLU A 436 22.53 -7.17 -24.59
C GLU A 436 22.83 -8.42 -23.77
N HIS A 437 23.79 -8.38 -22.84
CA HIS A 437 24.13 -9.58 -22.06
C HIS A 437 23.67 -9.53 -20.60
N PHE A 438 23.44 -8.33 -20.05
CA PHE A 438 22.94 -8.20 -18.67
C PHE A 438 21.83 -7.11 -18.63
N PRO A 439 20.69 -7.30 -19.32
CA PRO A 439 19.68 -6.22 -19.37
C PRO A 439 19.13 -5.81 -18.00
N GLU A 440 19.10 -6.73 -17.03
CA GLU A 440 18.62 -6.45 -15.68
C GLU A 440 19.56 -5.55 -14.86
N ALA A 441 20.76 -5.25 -15.38
CA ALA A 441 21.70 -4.34 -14.72
C ALA A 441 21.49 -2.88 -15.14
N LEU A 442 20.39 -2.56 -15.86
CA LEU A 442 20.03 -1.23 -16.29
C LEU A 442 20.08 -0.22 -15.13
N ALA A 443 19.55 -0.58 -13.95
CA ALA A 443 19.56 0.31 -12.79
C ALA A 443 20.98 0.68 -12.35
N ARG A 444 21.96 -0.24 -12.47
CA ARG A 444 23.34 0.06 -12.09
C ARG A 444 23.95 1.08 -13.04
N LEU A 445 23.75 0.88 -14.35
CA LEU A 445 24.22 1.68 -15.47
C LEU A 445 23.59 3.08 -15.44
N LEU A 446 22.28 3.16 -15.11
CA LEU A 446 21.56 4.43 -14.99
C LEU A 446 22.14 5.26 -13.85
N LEU A 447 22.60 4.61 -12.77
CA LEU A 447 23.21 5.28 -11.64
C LEU A 447 24.64 5.76 -11.93
N VAL A 448 25.38 5.07 -12.83
CA VAL A 448 26.72 5.55 -13.18
C VAL A 448 26.67 6.65 -14.27
N THR A 449 25.52 6.78 -15.01
CA THR A 449 25.37 7.79 -16.08
C THR A 449 25.60 9.18 -15.54
N LYS A 450 26.29 10.02 -16.30
CA LYS A 450 26.53 11.39 -15.89
C LYS A 450 25.32 12.18 -16.33
N TRP A 451 24.33 12.33 -15.43
CA TRP A 451 23.11 13.09 -15.76
C TRP A 451 23.40 14.62 -15.93
N ASN A 452 24.61 15.08 -15.56
CA ASN A 452 24.99 16.50 -15.73
C ASN A 452 25.72 16.80 -17.05
N LYS A 453 25.74 15.85 -18.00
CA LYS A 453 26.32 16.02 -19.33
C LYS A 453 25.25 15.58 -20.29
N HIS A 454 24.75 16.46 -21.16
CA HIS A 454 23.68 16.09 -22.09
C HIS A 454 24.09 15.07 -23.17
N GLU A 455 25.39 14.99 -23.52
CA GLU A 455 25.85 14.00 -24.48
C GLU A 455 25.74 12.58 -23.88
N ASP A 456 26.02 12.45 -22.57
CA ASP A 456 25.94 11.18 -21.84
C ASP A 456 24.48 10.74 -21.62
N VAL A 457 23.57 11.71 -21.43
CA VAL A 457 22.15 11.41 -21.24
C VAL A 457 21.57 10.87 -22.55
N ALA A 458 21.87 11.50 -23.68
CA ALA A 458 21.44 11.05 -25.00
C ALA A 458 21.97 9.62 -25.35
N GLN A 459 23.23 9.29 -24.98
CA GLN A 459 23.77 7.93 -25.24
C GLN A 459 23.06 6.90 -24.37
N MET A 460 22.72 7.25 -23.12
CA MET A 460 21.97 6.36 -22.20
C MET A 460 20.53 6.18 -22.69
N LEU A 461 19.86 7.27 -23.06
CA LEU A 461 18.50 7.23 -23.55
C LEU A 461 18.40 6.44 -24.87
N TYR A 462 19.45 6.48 -25.70
CA TYR A 462 19.45 5.73 -26.96
C TYR A 462 19.38 4.23 -26.70
N LEU A 463 20.14 3.75 -25.70
CA LEU A 463 20.15 2.34 -25.34
C LEU A 463 18.83 2.00 -24.64
N LEU A 464 18.35 2.89 -23.74
CA LEU A 464 17.09 2.65 -23.04
C LEU A 464 15.92 2.51 -24.01
N CYS A 465 15.92 3.33 -25.08
CA CYS A 465 14.82 3.30 -26.05
C CYS A 465 14.69 2.01 -26.83
N SER A 466 15.68 1.11 -26.76
CA SER A 466 15.54 -0.21 -27.35
C SER A 466 15.94 -1.31 -26.33
N TRP A 467 15.73 -1.04 -25.03
CA TRP A 467 16.01 -2.00 -23.97
C TRP A 467 14.81 -2.96 -23.92
N PRO A 468 15.02 -4.27 -23.73
CA PRO A 468 13.88 -5.17 -23.62
C PRO A 468 13.11 -4.95 -22.31
N GLU A 469 11.80 -5.27 -22.31
CA GLU A 469 10.95 -5.14 -21.13
C GLU A 469 11.51 -6.01 -20.02
N LEU A 470 11.58 -5.45 -18.82
CA LEU A 470 12.20 -6.10 -17.68
C LEU A 470 11.17 -6.80 -16.76
N PRO A 471 11.61 -7.76 -15.92
CA PRO A 471 10.67 -8.37 -14.97
C PRO A 471 10.13 -7.34 -13.97
N VAL A 472 8.95 -7.64 -13.40
CA VAL A 472 8.26 -6.76 -12.46
C VAL A 472 9.15 -6.35 -11.30
N LEU A 473 9.95 -7.29 -10.78
CA LEU A 473 10.85 -7.01 -9.68
C LEU A 473 11.86 -5.89 -10.04
N SER A 474 12.39 -5.91 -11.27
CA SER A 474 13.31 -4.88 -11.72
C SER A 474 12.60 -3.52 -11.94
N ALA A 475 11.35 -3.54 -12.45
CA ALA A 475 10.52 -2.34 -12.70
C ALA A 475 10.18 -1.62 -11.42
N LEU A 476 9.94 -2.37 -10.29
CA LEU A 476 9.63 -1.78 -8.99
C LEU A 476 10.84 -1.00 -8.44
N GLU A 477 12.07 -1.39 -8.84
CA GLU A 477 13.28 -0.66 -8.49
C GLU A 477 13.36 0.65 -9.28
N LEU A 478 13.01 0.62 -10.56
CA LEU A 478 13.08 1.79 -11.42
C LEU A 478 12.10 2.89 -11.07
N LEU A 479 11.04 2.56 -10.34
CA LEU A 479 10.09 3.59 -9.85
C LEU A 479 10.67 4.41 -8.70
N ASP A 480 11.82 4.02 -8.16
CA ASP A 480 12.43 4.73 -7.05
C ASP A 480 12.84 6.15 -7.45
N PHE A 481 12.87 7.07 -6.47
CA PHE A 481 13.26 8.46 -6.68
C PHE A 481 14.73 8.61 -7.21
N SER A 482 15.58 7.59 -7.00
CA SER A 482 16.94 7.56 -7.52
C SER A 482 16.99 7.40 -9.06
N PHE A 483 15.83 7.42 -9.75
CA PHE A 483 15.70 7.30 -11.19
C PHE A 483 14.64 8.31 -11.63
N PRO A 484 14.94 9.61 -11.50
CA PRO A 484 13.94 10.63 -11.81
C PRO A 484 13.69 10.94 -13.28
N ASP A 485 14.46 10.35 -14.21
CA ASP A 485 14.23 10.64 -15.63
C ASP A 485 12.84 10.17 -16.06
N CYS A 486 12.12 10.99 -16.84
CA CYS A 486 10.75 10.69 -17.27
C CYS A 486 10.66 9.49 -18.17
N TYR A 487 11.66 9.31 -19.05
CA TYR A 487 11.74 8.16 -19.95
C TYR A 487 12.01 6.89 -19.18
N VAL A 488 12.82 6.98 -18.12
CA VAL A 488 13.13 5.84 -17.28
C VAL A 488 11.88 5.39 -16.51
N GLY A 489 11.07 6.37 -16.06
CA GLY A 489 9.80 6.10 -15.40
C GLY A 489 8.77 5.52 -16.35
N SER A 490 8.75 6.02 -17.58
CA SER A 490 7.88 5.56 -18.64
C SER A 490 8.23 4.10 -18.98
N PHE A 491 9.53 3.78 -19.06
CA PHE A 491 10.03 2.43 -19.35
C PHE A 491 9.66 1.51 -18.19
N ALA A 492 9.82 1.98 -16.95
CA ALA A 492 9.47 1.19 -15.77
C ALA A 492 7.97 0.81 -15.79
N ILE A 493 7.07 1.82 -16.06
CA ILE A 493 5.61 1.60 -16.18
C ILE A 493 5.28 0.59 -17.29
N LYS A 494 6.01 0.64 -18.41
CA LYS A 494 5.85 -0.30 -19.52
C LYS A 494 6.17 -1.73 -19.09
N SER A 495 7.14 -1.90 -18.17
CA SER A 495 7.45 -3.23 -17.65
C SER A 495 6.46 -3.69 -16.54
N LEU A 496 5.67 -2.75 -15.99
CA LEU A 496 4.69 -3.06 -14.96
C LEU A 496 3.32 -3.39 -15.53
N ARG A 497 3.05 -3.14 -16.83
CA ARG A 497 1.74 -3.45 -17.41
C ARG A 497 1.38 -4.93 -17.30
N LYS A 498 2.37 -5.81 -17.32
CA LYS A 498 2.12 -7.24 -17.24
C LYS A 498 1.69 -7.71 -15.85
N LEU A 499 1.65 -6.78 -14.87
CA LEU A 499 1.24 -6.99 -13.48
C LEU A 499 -0.19 -7.48 -13.51
N THR A 500 -0.47 -8.57 -12.84
CA THR A 500 -1.82 -9.09 -12.71
C THR A 500 -2.54 -8.17 -11.72
N ASP A 501 -3.88 -8.18 -11.75
CA ASP A 501 -4.64 -7.37 -10.82
C ASP A 501 -4.30 -7.71 -9.34
N ASP A 502 -3.96 -8.98 -9.09
CA ASP A 502 -3.56 -9.48 -7.77
C ASP A 502 -2.19 -8.95 -7.35
N GLU A 503 -1.20 -8.87 -8.27
CA GLU A 503 0.11 -8.28 -7.99
C GLU A 503 -0.04 -6.80 -7.82
N LEU A 504 -0.81 -6.15 -8.70
CA LEU A 504 -1.07 -4.72 -8.62
C LEU A 504 -1.67 -4.33 -7.27
N PHE A 505 -2.64 -5.11 -6.79
CA PHE A 505 -3.29 -4.87 -5.52
C PHE A 505 -2.27 -5.01 -4.38
N GLN A 506 -1.41 -6.04 -4.47
CA GLN A 506 -0.37 -6.30 -3.49
C GLN A 506 0.56 -5.09 -3.32
N TYR A 507 0.95 -4.44 -4.45
CA TYR A 507 1.89 -3.32 -4.43
C TYR A 507 1.24 -1.94 -4.54
N LEU A 508 -0.10 -1.86 -4.56
CA LEU A 508 -0.86 -0.62 -4.72
C LEU A 508 -0.50 0.49 -3.72
N LEU A 509 -0.23 0.14 -2.47
CA LEU A 509 0.15 1.10 -1.46
C LEU A 509 1.45 1.80 -1.85
N GLN A 510 2.46 1.05 -2.32
CA GLN A 510 3.76 1.62 -2.70
C GLN A 510 3.61 2.49 -3.93
N LEU A 511 2.87 2.03 -4.96
CA LEU A 511 2.69 2.80 -6.17
C LEU A 511 1.97 4.13 -5.89
N VAL A 512 1.07 4.16 -4.87
CA VAL A 512 0.41 5.40 -4.48
C VAL A 512 1.45 6.35 -3.90
N GLN A 513 2.41 5.84 -3.05
CA GLN A 513 3.44 6.71 -2.45
C GLN A 513 4.37 7.29 -3.48
N VAL A 514 4.72 6.51 -4.52
CA VAL A 514 5.54 6.95 -5.67
C VAL A 514 4.96 8.22 -6.34
N LEU A 515 3.60 8.41 -6.31
CA LEU A 515 2.99 9.65 -6.86
C LEU A 515 3.54 10.89 -6.16
N LYS A 516 3.94 10.79 -4.88
CA LYS A 516 4.49 11.93 -4.13
C LYS A 516 5.85 12.40 -4.67
N TYR A 517 6.58 11.54 -5.39
CA TYR A 517 7.85 11.84 -6.04
C TYR A 517 7.64 12.44 -7.44
N GLU A 518 6.47 12.30 -8.05
CA GLU A 518 6.19 12.78 -9.39
C GLU A 518 6.41 14.27 -9.48
N SER A 519 7.08 14.70 -10.55
CA SER A 519 7.41 16.10 -10.72
C SER A 519 6.23 16.89 -11.28
N TYR A 520 5.41 16.26 -12.11
CA TYR A 520 4.27 16.94 -12.73
C TYR A 520 2.95 16.21 -12.45
N LEU A 521 1.82 16.88 -12.69
CA LEU A 521 0.50 16.28 -12.44
C LEU A 521 0.18 15.14 -13.41
N ASP A 522 0.29 15.39 -14.71
CA ASP A 522 -0.01 14.40 -15.72
C ASP A 522 1.21 13.51 -15.88
N CYS A 523 1.07 12.24 -15.53
CA CYS A 523 2.19 11.32 -15.63
C CYS A 523 1.75 9.92 -15.97
N GLU A 524 2.71 9.09 -16.44
CA GLU A 524 2.43 7.73 -16.83
C GLU A 524 1.93 6.93 -15.66
N LEU A 525 2.48 7.12 -14.44
CA LEU A 525 2.02 6.37 -13.28
C LEU A 525 0.57 6.69 -12.96
N THR A 526 0.16 7.98 -13.01
CA THR A 526 -1.22 8.37 -12.73
C THR A 526 -2.18 7.74 -13.74
N LYS A 527 -1.83 7.85 -15.03
CA LYS A 527 -2.60 7.31 -16.13
C LYS A 527 -2.75 5.78 -16.00
N PHE A 528 -1.67 5.11 -15.57
CA PHE A 528 -1.63 3.68 -15.34
C PHE A 528 -2.51 3.27 -14.15
N LEU A 529 -2.37 3.95 -13.01
CA LEU A 529 -3.19 3.68 -11.82
C LEU A 529 -4.70 3.92 -12.06
N LEU A 530 -5.07 5.00 -12.79
CA LEU A 530 -6.47 5.31 -13.10
C LEU A 530 -7.10 4.29 -14.07
N GLY A 531 -6.34 3.84 -15.05
CA GLY A 531 -6.80 2.85 -16.04
C GLY A 531 -6.98 1.46 -15.42
N ARG A 532 -6.16 1.12 -14.42
CA ARG A 532 -6.29 -0.17 -13.73
C ARG A 532 -7.46 -0.10 -12.72
N ALA A 533 -7.69 1.07 -12.11
CA ALA A 533 -8.80 1.32 -11.17
C ALA A 533 -10.16 1.29 -11.90
N LEU A 534 -10.22 1.85 -13.10
CA LEU A 534 -11.48 1.85 -13.84
C LEU A 534 -11.78 0.48 -14.48
N ALA A 535 -10.79 -0.41 -14.58
CA ALA A 535 -11.00 -1.76 -15.12
C ALA A 535 -11.18 -2.84 -14.04
N ASN A 536 -11.06 -2.50 -12.76
CA ASN A 536 -11.23 -3.44 -11.66
C ASN A 536 -11.74 -2.58 -10.53
N ARG A 537 -12.98 -2.82 -10.09
CA ARG A 537 -13.63 -2.05 -9.04
C ARG A 537 -12.96 -2.20 -7.65
N LYS A 538 -12.20 -3.29 -7.41
CA LYS A 538 -11.51 -3.46 -6.15
C LYS A 538 -10.27 -2.59 -6.17
N ILE A 539 -9.53 -2.51 -7.31
CA ILE A 539 -8.37 -1.62 -7.41
C ILE A 539 -8.88 -0.15 -7.24
N GLY A 540 -9.99 0.18 -7.92
CA GLY A 540 -10.60 1.51 -7.85
C GLY A 540 -10.93 1.93 -6.43
N HIS A 541 -11.60 1.04 -5.66
CA HIS A 541 -11.98 1.21 -4.26
C HIS A 541 -10.77 1.61 -3.37
N PHE A 542 -9.68 0.80 -3.38
CA PHE A 542 -8.50 1.03 -2.56
C PHE A 542 -7.64 2.17 -3.04
N LEU A 543 -7.62 2.45 -4.36
CA LEU A 543 -6.88 3.61 -4.86
C LEU A 543 -7.53 4.87 -4.28
N PHE A 544 -8.90 4.91 -4.32
CA PHE A 544 -9.68 6.00 -3.77
C PHE A 544 -9.36 6.22 -2.28
N TRP A 545 -9.30 5.16 -1.48
CA TRP A 545 -9.09 5.30 -0.05
C TRP A 545 -7.67 5.68 0.30
N HIS A 546 -6.71 5.20 -0.48
CA HIS A 546 -5.32 5.56 -0.23
C HIS A 546 -5.12 7.09 -0.45
N LEU A 547 -5.74 7.67 -1.50
CA LEU A 547 -5.67 9.09 -1.80
C LEU A 547 -6.57 9.89 -0.84
N ARG A 548 -7.80 9.39 -0.55
CA ARG A 548 -8.72 10.09 0.33
C ARG A 548 -8.17 10.29 1.71
N SER A 549 -7.51 9.26 2.24
CA SER A 549 -6.95 9.35 3.58
C SER A 549 -5.84 10.39 3.70
N GLU A 550 -5.34 10.93 2.58
CA GLU A 550 -4.28 11.92 2.62
C GLU A 550 -4.75 13.32 2.27
N MET A 551 -6.07 13.60 2.22
CA MET A 551 -6.54 14.92 1.82
C MET A 551 -6.30 16.03 2.85
N HIS A 552 -5.89 15.66 4.08
CA HIS A 552 -5.55 16.60 5.15
C HIS A 552 -4.05 17.02 5.07
N VAL A 553 -3.26 16.43 4.14
CA VAL A 553 -1.85 16.75 3.94
C VAL A 553 -1.78 17.77 2.77
N PRO A 554 -1.38 19.02 3.08
CA PRO A 554 -1.30 20.09 2.05
C PRO A 554 -0.47 19.81 0.82
N SER A 555 0.61 19.06 0.99
CA SER A 555 1.54 18.76 -0.09
C SER A 555 0.97 17.83 -1.15
N VAL A 556 -0.01 17.00 -0.79
CA VAL A 556 -0.60 16.05 -1.76
C VAL A 556 -2.08 16.30 -2.06
N ALA A 557 -2.76 17.13 -1.27
CA ALA A 557 -4.18 17.41 -1.48
C ALA A 557 -4.56 17.80 -2.91
N LEU A 558 -3.74 18.61 -3.59
CA LEU A 558 -4.07 19.01 -4.97
C LEU A 558 -3.93 17.81 -5.89
N ARG A 559 -2.76 17.15 -5.88
CA ARG A 559 -2.54 15.96 -6.71
C ARG A 559 -3.64 14.88 -6.50
N PHE A 560 -3.84 14.47 -5.24
CA PHE A 560 -4.78 13.40 -4.88
C PHE A 560 -6.21 13.79 -5.15
N GLY A 561 -6.57 15.05 -4.94
CA GLY A 561 -7.90 15.52 -5.21
C GLY A 561 -8.22 15.45 -6.69
N LEU A 562 -7.24 15.80 -7.55
CA LEU A 562 -7.45 15.74 -9.00
C LEU A 562 -7.60 14.28 -9.48
N ILE A 563 -6.77 13.35 -8.97
CA ILE A 563 -6.91 11.93 -9.31
C ILE A 563 -8.30 11.36 -8.91
N MET A 564 -8.79 11.68 -7.69
CA MET A 564 -10.09 11.17 -7.25
C MET A 564 -11.23 11.74 -8.10
N GLU A 565 -11.16 13.03 -8.49
CA GLU A 565 -12.18 13.66 -9.32
C GLU A 565 -12.23 12.94 -10.69
N ALA A 566 -11.02 12.66 -11.26
CA ALA A 566 -10.89 11.95 -12.52
C ALA A 566 -11.50 10.57 -12.40
N TYR A 567 -11.22 9.83 -11.32
CA TYR A 567 -11.79 8.50 -11.08
C TYR A 567 -13.30 8.56 -11.07
N CYS A 568 -13.84 9.57 -10.37
CA CYS A 568 -15.25 9.81 -10.21
C CYS A 568 -15.93 10.05 -11.53
N ARG A 569 -15.27 10.70 -12.50
CA ARG A 569 -15.78 10.90 -13.86
C ARG A 569 -15.93 9.53 -14.59
N GLY A 570 -15.03 8.60 -14.32
CA GLY A 570 -15.07 7.23 -14.82
C GLY A 570 -16.10 6.34 -14.14
N SER A 571 -16.48 6.61 -12.88
CA SER A 571 -17.50 5.78 -12.21
C SER A 571 -18.41 6.52 -11.25
N THR A 572 -19.48 7.04 -11.80
CA THR A 572 -20.52 7.79 -11.12
C THR A 572 -21.26 6.91 -10.11
N HIS A 573 -21.53 5.66 -10.47
CA HIS A 573 -22.18 4.73 -9.56
C HIS A 573 -21.26 4.45 -8.36
N HIS A 574 -19.96 4.14 -8.64
CA HIS A 574 -19.02 3.89 -7.55
C HIS A 574 -18.81 5.11 -6.66
N MET A 575 -18.97 6.33 -7.20
CA MET A 575 -18.90 7.58 -6.44
C MET A 575 -19.98 7.59 -5.37
N LYS A 576 -21.20 7.18 -5.76
CA LYS A 576 -22.34 7.07 -4.86
C LYS A 576 -22.15 5.98 -3.80
N VAL A 577 -21.43 4.90 -4.16
CA VAL A 577 -21.08 3.80 -3.25
C VAL A 577 -20.10 4.29 -2.19
N LEU A 578 -19.07 5.04 -2.60
CA LEU A 578 -18.05 5.56 -1.69
C LEU A 578 -18.62 6.69 -0.81
N MET A 579 -19.52 7.53 -1.34
CA MET A 579 -20.18 8.58 -0.55
C MET A 579 -20.99 7.96 0.57
N LYS A 580 -21.59 6.79 0.33
CA LYS A 580 -22.35 6.06 1.32
C LYS A 580 -21.39 5.56 2.45
N GLN A 581 -20.13 5.21 2.11
CA GLN A 581 -19.09 4.84 3.07
C GLN A 581 -18.61 6.09 3.85
N GLY A 582 -18.37 7.17 3.14
CA GLY A 582 -17.97 8.44 3.73
C GLY A 582 -19.01 8.97 4.69
N GLU A 583 -20.29 8.75 4.40
CA GLU A 583 -21.36 9.19 5.29
C GLU A 583 -21.28 8.39 6.60
N ALA A 584 -21.01 7.09 6.52
CA ALA A 584 -20.92 6.23 7.71
C ALA A 584 -19.74 6.62 8.58
N LEU A 585 -18.62 6.97 7.96
CA LEU A 585 -17.42 7.37 8.67
C LEU A 585 -17.61 8.71 9.34
N SER A 586 -18.44 9.63 8.75
CA SER A 586 -18.79 10.89 9.42
C SER A 586 -19.51 10.61 10.72
N LYS A 587 -20.59 9.80 10.68
CA LYS A 587 -21.37 9.44 11.87
C LYS A 587 -20.50 8.75 12.90
N LEU A 588 -19.58 7.86 12.47
CA LEU A 588 -18.63 7.22 13.38
C LEU A 588 -17.68 8.25 14.08
N LYS A 589 -17.23 9.31 13.38
CA LYS A 589 -16.38 10.32 14.02
C LYS A 589 -17.18 11.04 15.14
N ALA A 590 -18.43 11.44 14.85
CA ALA A 590 -19.28 12.14 15.80
C ALA A 590 -19.62 11.26 16.98
N LEU A 591 -19.91 9.97 16.72
CA LEU A 591 -20.23 9.00 17.75
C LEU A 591 -19.01 8.72 18.60
N ASN A 592 -17.80 8.65 17.99
CA ASN A 592 -16.58 8.38 18.74
C ASN A 592 -16.29 9.56 19.66
N ASP A 593 -16.45 10.81 19.15
CA ASP A 593 -16.29 12.05 19.88
C ASP A 593 -17.22 12.10 21.11
N PHE A 594 -18.48 11.64 20.96
CA PHE A 594 -19.42 11.62 22.06
C PHE A 594 -18.93 10.63 23.11
N VAL A 595 -18.45 9.43 22.67
CA VAL A 595 -17.93 8.38 23.54
C VAL A 595 -16.74 8.90 24.34
N LYS A 596 -15.83 9.63 23.70
CA LYS A 596 -14.65 10.17 24.37
C LYS A 596 -15.05 11.12 25.49
N VAL A 597 -16.08 11.94 25.26
CA VAL A 597 -16.58 12.89 26.21
C VAL A 597 -17.33 12.18 27.32
N SER A 598 -18.34 11.36 27.00
CA SER A 598 -19.12 10.66 28.01
C SER A 598 -18.33 9.71 28.93
N SER A 599 -17.21 9.15 28.45
CA SER A 599 -16.42 8.20 29.22
C SER A 599 -15.58 8.86 30.33
N GLN A 600 -15.30 10.17 30.21
CA GLN A 600 -14.53 10.87 31.24
C GLN A 600 -15.45 11.47 32.36
N LYS A 601 -16.75 11.10 32.37
CA LYS A 601 -17.71 11.61 33.33
C LYS A 601 -18.52 10.50 34.00
N THR A 602 -19.06 9.54 33.21
CA THR A 602 -19.87 8.47 33.77
C THR A 602 -19.18 7.08 33.62
N THR A 603 -19.77 6.01 34.20
CA THR A 603 -19.19 4.69 34.09
C THR A 603 -19.46 4.06 32.71
N LYS A 604 -18.58 3.13 32.31
CA LYS A 604 -18.64 2.41 31.04
C LYS A 604 -20.04 1.88 30.69
N PRO A 605 -20.81 1.25 31.62
CA PRO A 605 -22.16 0.79 31.22
C PRO A 605 -23.06 1.94 30.79
N GLN A 606 -22.94 3.09 31.46
CA GLN A 606 -23.79 4.22 31.15
C GLN A 606 -23.44 4.85 29.80
N THR A 607 -22.13 4.99 29.51
CA THR A 607 -21.64 5.51 28.22
C THR A 607 -22.00 4.54 27.05
N LYS A 608 -21.93 3.22 27.29
CA LYS A 608 -22.26 2.23 26.27
C LYS A 608 -23.74 2.36 25.86
N GLU A 609 -24.63 2.52 26.83
CA GLU A 609 -26.06 2.69 26.54
C GLU A 609 -26.35 4.05 25.90
N MET A 610 -25.61 5.10 26.27
CA MET A 610 -25.77 6.39 25.61
C MET A 610 -25.31 6.29 24.15
N MET A 611 -24.25 5.48 23.88
CA MET A 611 -23.73 5.21 22.54
C MET A 611 -24.83 4.54 21.72
N HIS A 612 -25.49 3.52 22.31
CA HIS A 612 -26.57 2.76 21.71
C HIS A 612 -27.78 3.60 21.41
N MET A 613 -28.10 4.54 22.29
CA MET A 613 -29.21 5.47 22.10
C MET A 613 -28.89 6.39 20.92
N CYS A 614 -27.65 6.88 20.83
CA CYS A 614 -27.24 7.72 19.72
C CYS A 614 -27.28 6.94 18.39
N MET A 615 -26.80 5.68 18.37
CA MET A 615 -26.81 4.81 17.18
C MET A 615 -28.23 4.49 16.74
N ARG A 616 -29.18 4.44 17.71
CA ARG A 616 -30.58 4.10 17.46
C ARG A 616 -31.39 5.26 16.83
N GLN A 617 -30.80 6.45 16.69
CA GLN A 617 -31.46 7.55 16.01
C GLN A 617 -31.56 7.19 14.52
N GLU A 618 -32.59 7.69 13.82
CA GLU A 618 -32.80 7.41 12.40
C GLU A 618 -31.61 7.72 11.51
N THR A 619 -30.95 8.86 11.74
CA THR A 619 -29.79 9.28 10.95
C THR A 619 -28.61 8.34 11.11
N TYR A 620 -28.42 7.83 12.32
CA TYR A 620 -27.35 6.90 12.57
C TYR A 620 -27.69 5.55 11.98
N MET A 621 -28.92 5.05 12.18
CA MET A 621 -29.34 3.75 11.65
C MET A 621 -29.32 3.73 10.13
N GLU A 622 -29.67 4.86 9.50
CA GLU A 622 -29.61 4.96 8.06
C GLU A 622 -28.18 5.07 7.54
N ALA A 623 -27.35 5.91 8.18
CA ALA A 623 -25.98 6.08 7.68
C ALA A 623 -25.07 4.88 7.92
N LEU A 624 -25.27 4.15 9.01
CA LEU A 624 -24.43 3.03 9.37
C LEU A 624 -24.83 1.69 8.81
N SER A 625 -25.97 1.58 8.13
CA SER A 625 -26.44 0.29 7.61
C SER A 625 -26.33 0.19 6.08
N HIS A 626 -26.41 -1.05 5.57
CA HIS A 626 -26.46 -1.38 4.14
C HIS A 626 -25.34 -0.74 3.36
N LEU A 627 -24.09 -1.07 3.71
CA LEU A 627 -22.97 -0.46 2.99
C LEU A 627 -21.87 -1.48 2.65
N GLN A 628 -21.01 -1.11 1.73
CA GLN A 628 -19.85 -1.92 1.43
C GLN A 628 -18.81 -1.54 2.47
N SER A 629 -18.09 -2.56 2.96
CA SER A 629 -17.06 -2.27 3.92
C SER A 629 -15.88 -1.58 3.23
N PRO A 630 -15.40 -0.42 3.75
CA PRO A 630 -14.20 0.19 3.16
C PRO A 630 -12.97 -0.75 3.33
N LEU A 631 -12.96 -1.61 4.36
CA LEU A 631 -11.87 -2.58 4.53
C LEU A 631 -11.87 -3.63 3.41
N ASP A 632 -13.02 -3.90 2.81
CA ASP A 632 -13.18 -4.94 1.84
C ASP A 632 -14.50 -4.74 1.10
N PRO A 633 -14.47 -4.26 -0.14
CA PRO A 633 -15.72 -4.11 -0.92
C PRO A 633 -16.54 -5.43 -1.12
N SER A 634 -15.94 -6.61 -0.93
CA SER A 634 -16.66 -7.88 -1.02
C SER A 634 -17.56 -8.11 0.19
N THR A 635 -17.22 -7.47 1.32
CA THR A 635 -17.95 -7.62 2.55
C THR A 635 -19.02 -6.54 2.63
N LEU A 636 -20.27 -6.96 2.73
CA LEU A 636 -21.41 -6.06 2.86
C LEU A 636 -21.75 -5.93 4.36
N LEU A 637 -21.81 -4.71 4.90
CA LEU A 637 -22.15 -4.42 6.29
C LEU A 637 -23.62 -4.10 6.28
N GLU A 638 -24.50 -5.07 6.63
CA GLU A 638 -25.93 -4.87 6.42
C GLU A 638 -26.72 -4.25 7.59
N GLU A 639 -27.07 -5.05 8.59
CA GLU A 639 -27.85 -4.57 9.70
C GLU A 639 -26.91 -4.42 10.85
N VAL A 640 -26.73 -3.19 11.35
CA VAL A 640 -25.88 -2.96 12.50
C VAL A 640 -26.61 -3.49 13.74
N CYS A 641 -25.94 -4.36 14.50
CA CYS A 641 -26.46 -4.97 15.71
C CYS A 641 -26.01 -4.13 16.88
N VAL A 642 -26.73 -3.02 17.10
CA VAL A 642 -26.50 -1.99 18.12
C VAL A 642 -26.18 -2.59 19.47
N GLU A 643 -26.93 -3.62 19.89
CA GLU A 643 -26.74 -4.30 21.18
C GLU A 643 -25.37 -4.96 21.33
N GLN A 644 -24.77 -5.37 20.21
CA GLN A 644 -23.47 -5.99 20.24
C GLN A 644 -22.32 -4.96 20.14
N CYS A 645 -22.63 -3.69 19.78
CA CYS A 645 -21.64 -2.61 19.64
C CYS A 645 -21.12 -2.15 20.97
N THR A 646 -19.85 -1.77 21.00
CA THR A 646 -19.17 -1.34 22.24
C THR A 646 -17.96 -0.46 21.86
N PHE A 647 -17.00 -0.24 22.78
CA PHE A 647 -15.80 0.54 22.58
C PHE A 647 -14.72 0.06 23.57
N MET A 648 -13.41 0.22 23.21
CA MET A 648 -12.34 -0.18 24.15
C MET A 648 -12.00 0.95 25.12
N ASP A 649 -11.36 0.60 26.24
CA ASP A 649 -11.03 1.52 27.31
C ASP A 649 -9.76 2.30 27.14
N SER A 650 -8.99 2.05 26.07
CA SER A 650 -7.76 2.76 25.79
C SER A 650 -8.06 4.28 25.51
N LYS A 651 -7.02 5.10 25.47
CA LYS A 651 -7.11 6.54 25.31
C LYS A 651 -8.10 7.03 24.24
N MET A 652 -8.06 6.44 23.04
CA MET A 652 -8.90 6.92 21.94
C MET A 652 -10.29 6.29 21.86
N LYS A 653 -10.63 5.43 22.84
CA LYS A 653 -11.92 4.73 22.95
C LYS A 653 -12.40 4.16 21.59
N PRO A 654 -11.55 3.34 20.89
CA PRO A 654 -11.98 2.77 19.61
C PRO A 654 -13.33 2.07 19.68
N LEU A 655 -14.19 2.33 18.67
CA LEU A 655 -15.55 1.74 18.61
C LEU A 655 -15.58 0.41 17.89
N TRP A 656 -16.29 -0.57 18.44
CA TRP A 656 -16.50 -1.87 17.82
C TRP A 656 -17.97 -1.91 17.35
N ILE A 657 -18.18 -1.85 16.02
CA ILE A 657 -19.49 -1.84 15.37
C ILE A 657 -19.81 -3.20 14.77
N MET A 658 -20.79 -3.87 15.31
CA MET A 658 -21.17 -5.20 14.90
C MET A 658 -22.29 -5.18 13.86
N TYR A 659 -22.25 -6.14 12.93
CA TYR A 659 -23.15 -6.24 11.79
C TYR A 659 -23.62 -7.64 11.60
N SER A 660 -24.79 -7.78 10.97
CA SER A 660 -25.33 -9.07 10.59
C SER A 660 -26.19 -8.97 9.32
N SER A 661 -26.39 -10.12 8.65
CA SER A 661 -27.16 -10.23 7.43
C SER A 661 -27.84 -11.60 7.35
N GLU A 662 -29.17 -11.62 7.29
CA GLU A 662 -29.94 -12.85 7.14
C GLU A 662 -29.63 -13.54 5.78
N GLU A 663 -29.27 -12.77 4.73
CA GLU A 663 -28.92 -13.38 3.45
C GLU A 663 -27.59 -14.12 3.46
N ALA A 664 -26.61 -13.62 4.23
CA ALA A 664 -25.29 -14.23 4.31
C ALA A 664 -25.16 -15.33 5.33
N GLY A 665 -26.00 -15.31 6.36
CA GLY A 665 -25.94 -16.31 7.41
C GLY A 665 -24.79 -16.01 8.36
N SER A 666 -23.88 -16.96 8.57
CA SER A 666 -22.74 -16.76 9.48
C SER A 666 -21.67 -15.84 8.93
N ALA A 667 -21.53 -15.79 7.60
CA ALA A 667 -20.54 -14.92 6.96
C ALA A 667 -20.91 -13.44 7.00
N GLY A 668 -22.15 -13.12 7.39
CA GLY A 668 -22.61 -11.75 7.51
C GLY A 668 -22.36 -11.19 8.90
N ASN A 669 -21.99 -12.06 9.86
CA ASN A 669 -21.67 -11.63 11.19
C ASN A 669 -20.24 -11.13 11.17
N VAL A 670 -20.12 -9.84 11.01
CA VAL A 670 -18.84 -9.18 10.85
C VAL A 670 -18.80 -7.95 11.75
N GLY A 671 -17.60 -7.46 12.00
CA GLY A 671 -17.43 -6.28 12.80
C GLY A 671 -16.37 -5.38 12.22
N ILE A 672 -16.46 -4.09 12.54
CA ILE A 672 -15.43 -3.13 12.15
C ILE A 672 -15.05 -2.31 13.39
N ILE A 673 -13.82 -1.81 13.42
CA ILE A 673 -13.35 -1.00 14.53
C ILE A 673 -13.03 0.37 14.00
N PHE A 674 -13.74 1.41 14.46
CA PHE A 674 -13.45 2.77 14.06
C PHE A 674 -12.47 3.36 15.08
N LYS A 675 -11.33 3.89 14.62
CA LYS A 675 -10.31 4.48 15.47
C LYS A 675 -9.99 5.90 15.02
N ASN A 676 -10.02 6.83 15.94
CA ASN A 676 -9.77 8.23 15.68
C ASN A 676 -8.87 8.75 16.82
N GLY A 677 -7.72 9.27 16.44
CA GLY A 677 -6.74 9.76 17.41
C GLY A 677 -5.35 9.28 17.10
N ASP A 678 -5.22 8.05 16.59
CA ASP A 678 -3.92 7.46 16.23
C ASP A 678 -3.74 7.40 14.71
N ASP A 679 -2.50 7.45 14.25
CA ASP A 679 -2.20 7.35 12.84
C ASP A 679 -2.02 5.83 12.57
N LEU A 680 -2.79 5.28 11.58
CA LEU A 680 -2.78 3.85 11.26
C LEU A 680 -1.97 3.42 10.05
N ARG A 681 -1.25 4.32 9.39
CA ARG A 681 -0.43 4.02 8.20
C ARG A 681 0.59 2.90 8.40
N GLN A 682 1.34 2.93 9.50
CA GLN A 682 2.35 1.91 9.78
C GLN A 682 1.77 0.58 10.13
N ASP A 683 0.58 0.55 10.79
CA ASP A 683 -0.11 -0.72 11.10
C ASP A 683 -0.47 -1.37 9.80
N MET A 684 -1.07 -0.59 8.88
CA MET A 684 -1.43 -1.06 7.57
C MET A 684 -0.22 -1.62 6.81
N LEU A 685 0.90 -0.86 6.76
CA LEU A 685 2.08 -1.27 6.04
C LEU A 685 2.64 -2.60 6.60
N THR A 686 2.78 -2.70 7.93
CA THR A 686 3.24 -3.92 8.59
C THR A 686 2.32 -5.11 8.27
N LEU A 687 0.99 -4.89 8.37
CA LEU A 687 0.02 -5.95 8.08
C LEU A 687 0.11 -6.42 6.64
N GLN A 688 0.38 -5.49 5.71
CA GLN A 688 0.51 -5.80 4.31
C GLN A 688 1.76 -6.60 4.03
N MET A 689 2.83 -6.30 4.74
CA MET A 689 4.08 -7.02 4.65
C MET A 689 3.90 -8.43 5.13
N ILE A 690 3.20 -8.60 6.25
CA ILE A 690 2.88 -9.95 6.78
C ILE A 690 2.06 -10.75 5.79
N GLN A 691 1.14 -10.10 5.13
CA GLN A 691 0.26 -10.70 4.15
C GLN A 691 1.04 -11.13 2.91
N LEU A 692 2.02 -10.30 2.50
CA LEU A 692 2.94 -10.60 1.40
C LEU A 692 3.72 -11.88 1.77
N MET A 693 4.21 -11.98 3.00
CA MET A 693 4.90 -13.17 3.52
C MET A 693 4.05 -14.43 3.36
N ASP A 694 2.80 -14.41 3.88
CA ASP A 694 1.82 -15.51 3.78
C ASP A 694 1.57 -15.88 2.32
N VAL A 695 1.45 -14.89 1.44
CA VAL A 695 1.31 -15.16 -0.03
C VAL A 695 2.55 -15.92 -0.54
N LEU A 696 3.76 -15.46 -0.22
CA LEU A 696 5.00 -16.09 -0.63
C LEU A 696 5.18 -17.47 -0.06
N TRP A 697 4.81 -17.69 1.21
CA TRP A 697 4.91 -19.00 1.84
C TRP A 697 3.93 -19.94 1.14
N LYS A 698 2.68 -19.48 0.90
CA LYS A 698 1.67 -20.32 0.23
C LYS A 698 2.06 -20.72 -1.21
N GLN A 699 2.82 -19.87 -1.92
CA GLN A 699 3.29 -20.21 -3.27
C GLN A 699 4.36 -21.32 -3.24
N GLU A 700 5.00 -21.58 -2.09
CA GLU A 700 5.95 -22.67 -1.92
C GLU A 700 5.30 -23.85 -1.17
N GLY A 701 3.97 -23.89 -1.09
CA GLY A 701 3.23 -24.91 -0.37
C GLY A 701 3.25 -24.82 1.14
N LEU A 702 3.62 -23.66 1.73
CA LEU A 702 3.66 -23.54 3.19
C LEU A 702 2.53 -22.64 3.76
N ASP A 703 1.44 -23.22 4.26
CA ASP A 703 0.34 -22.43 4.86
C ASP A 703 0.64 -22.30 6.36
N LEU A 704 0.95 -21.09 6.85
CA LEU A 704 1.24 -20.94 8.27
C LEU A 704 0.06 -20.43 9.08
N ARG A 705 -1.17 -20.49 8.53
CA ARG A 705 -2.40 -20.14 9.27
C ARG A 705 -2.34 -18.70 9.83
N MET A 706 -1.93 -17.78 8.96
CA MET A 706 -1.80 -16.38 9.31
C MET A 706 -3.15 -15.70 9.44
N THR A 707 -3.22 -14.54 10.11
CA THR A 707 -4.48 -13.84 10.27
C THR A 707 -4.26 -12.41 9.83
N PRO A 708 -4.24 -12.23 8.50
CA PRO A 708 -3.98 -10.89 7.98
C PRO A 708 -5.28 -10.13 7.92
N TYR A 709 -5.71 -9.56 9.05
CA TYR A 709 -6.96 -8.80 9.12
C TYR A 709 -6.75 -7.44 8.47
N GLY A 710 -7.82 -6.83 8.01
CA GLY A 710 -7.75 -5.52 7.35
C GLY A 710 -7.45 -4.36 8.29
N CYS A 711 -6.75 -3.36 7.79
CA CYS A 711 -6.44 -2.11 8.46
C CYS A 711 -6.36 -1.07 7.37
N LEU A 712 -7.14 -0.02 7.50
CA LEU A 712 -7.25 0.99 6.50
C LEU A 712 -7.42 2.38 7.08
N PRO A 713 -6.40 3.24 6.97
CA PRO A 713 -6.62 4.67 7.28
C PRO A 713 -7.62 5.23 6.25
N THR A 714 -8.53 6.09 6.69
CA THR A 714 -9.57 6.69 5.85
C THR A 714 -9.56 8.24 5.88
N GLY A 715 -8.84 8.84 6.81
CA GLY A 715 -8.79 10.30 6.95
C GLY A 715 -7.74 10.72 7.96
N ASP A 716 -7.79 11.97 8.43
CA ASP A 716 -6.80 12.50 9.38
C ASP A 716 -6.81 11.73 10.69
N ARG A 717 -5.75 10.93 10.98
CA ARG A 717 -5.62 10.13 12.20
C ARG A 717 -6.92 9.35 12.48
N THR A 718 -7.44 8.77 11.40
CA THR A 718 -8.69 8.03 11.39
C THR A 718 -8.55 6.83 10.48
N GLY A 719 -9.18 5.73 10.86
CA GLY A 719 -9.13 4.52 10.06
C GLY A 719 -9.97 3.40 10.63
N LEU A 720 -9.97 2.28 9.95
CA LEU A 720 -10.76 1.12 10.30
C LEU A 720 -9.87 -0.09 10.42
N ILE A 721 -10.17 -0.95 11.39
CA ILE A 721 -9.50 -2.25 11.57
C ILE A 721 -10.61 -3.29 11.44
N GLU A 722 -10.32 -4.48 10.85
CA GLU A 722 -11.33 -5.52 10.72
C GLU A 722 -11.38 -6.35 11.97
N VAL A 723 -12.59 -6.60 12.49
CA VAL A 723 -12.74 -7.45 13.65
C VAL A 723 -12.55 -8.94 13.31
N VAL A 724 -11.64 -9.61 14.04
CA VAL A 724 -11.49 -11.03 13.92
C VAL A 724 -12.27 -11.60 15.15
N LEU A 725 -13.44 -12.15 14.88
CA LEU A 725 -14.32 -12.65 15.91
C LEU A 725 -13.78 -13.93 16.51
N HIS A 726 -14.20 -14.22 17.76
CA HIS A 726 -13.80 -15.42 18.48
C HIS A 726 -12.30 -15.39 18.76
N SER A 727 -11.79 -14.24 19.18
CA SER A 727 -10.40 -14.10 19.50
C SER A 727 -10.24 -13.21 20.73
N ASP A 728 -9.28 -13.55 21.58
CA ASP A 728 -9.01 -12.76 22.78
C ASP A 728 -7.50 -12.61 22.90
N THR A 729 -7.04 -11.67 23.69
CA THR A 729 -5.62 -11.46 23.91
C THR A 729 -5.11 -12.53 24.89
N ILE A 730 -3.79 -12.79 24.84
CA ILE A 730 -3.11 -13.70 25.76
C ILE A 730 -3.31 -13.19 27.20
N ALA A 731 -3.23 -11.87 27.39
CA ALA A 731 -3.43 -11.23 28.68
C ALA A 731 -4.80 -11.56 29.27
N ASN A 732 -5.87 -11.49 28.46
CA ASN A 732 -7.23 -11.80 28.96
C ASN A 732 -7.41 -13.27 29.29
N ILE A 733 -6.80 -14.15 28.50
CA ILE A 733 -6.84 -15.58 28.80
C ILE A 733 -6.05 -15.88 30.07
N GLN A 734 -4.89 -15.21 30.24
CA GLN A 734 -4.02 -15.38 31.39
C GLN A 734 -4.46 -14.67 32.63
N LEU A 735 -5.62 -14.00 32.65
CA LEU A 735 -6.13 -13.42 33.92
C LEU A 735 -6.57 -14.57 34.87
N ASN A 736 -6.82 -15.80 34.32
CA ASN A 736 -7.18 -17.01 35.05
C ASN A 736 -8.39 -16.76 35.93
N LYS A 737 -9.49 -16.27 35.32
CA LYS A 737 -10.72 -15.97 36.04
C LYS A 737 -11.27 -17.21 36.72
N SER A 738 -11.85 -17.03 37.91
CA SER A 738 -12.45 -18.15 38.61
C SER A 738 -13.81 -18.48 37.99
N ASN A 739 -14.16 -19.79 37.95
CA ASN A 739 -15.40 -20.33 37.43
C ASN A 739 -15.54 -20.11 35.92
N MET A 740 -14.61 -20.70 35.21
CA MET A 740 -14.60 -20.68 33.76
C MET A 740 -14.34 -22.10 33.28
N ALA A 741 -14.54 -22.33 31.98
CA ALA A 741 -14.23 -23.61 31.38
C ALA A 741 -12.68 -23.82 31.31
N ALA A 742 -11.87 -22.74 31.53
CA ALA A 742 -10.40 -22.78 31.44
C ALA A 742 -9.61 -22.60 32.78
N THR A 743 -10.26 -22.36 33.95
CA THR A 743 -9.50 -22.15 35.21
C THR A 743 -8.45 -23.24 35.49
N ALA A 744 -7.20 -22.83 35.79
CA ALA A 744 -6.08 -23.75 35.97
C ALA A 744 -5.39 -23.74 37.36
N ALA A 745 -4.67 -24.84 37.67
CA ALA A 745 -3.87 -24.98 38.89
C ALA A 745 -2.56 -24.17 38.79
N PHE A 746 -2.08 -23.94 37.55
CA PHE A 746 -0.85 -23.22 37.24
C PHE A 746 -1.18 -22.29 36.08
N ASN A 747 -0.77 -21.01 36.17
CA ASN A 747 -0.99 -20.05 35.09
C ASN A 747 -0.44 -20.55 33.75
N LYS A 748 0.59 -21.41 33.78
CA LYS A 748 1.18 -22.00 32.59
C LYS A 748 0.18 -22.83 31.77
N ASP A 749 -0.92 -23.29 32.42
CA ASP A 749 -1.97 -24.11 31.82
C ASP A 749 -3.10 -23.30 31.17
N ALA A 750 -3.35 -22.08 31.63
CA ALA A 750 -4.48 -21.25 31.18
C ALA A 750 -4.72 -21.24 29.65
N LEU A 751 -3.67 -20.99 28.86
CA LEU A 751 -3.81 -20.90 27.42
C LEU A 751 -4.24 -22.26 26.84
N LEU A 752 -3.68 -23.33 27.38
CA LEU A 752 -3.94 -24.68 26.90
C LEU A 752 -5.31 -25.15 27.37
N ASN A 753 -5.75 -24.76 28.58
CA ASN A 753 -7.09 -25.10 29.05
C ASN A 753 -8.12 -24.35 28.21
N TRP A 754 -7.84 -23.09 27.85
CA TRP A 754 -8.75 -22.30 27.04
C TRP A 754 -8.94 -22.95 25.66
N LEU A 755 -7.86 -23.49 25.08
CA LEU A 755 -7.95 -24.20 23.80
C LEU A 755 -8.77 -25.45 23.92
N LYS A 756 -8.63 -26.18 25.04
CA LYS A 756 -9.36 -27.43 25.34
C LYS A 756 -10.85 -27.14 25.43
N SER A 757 -11.21 -26.04 26.10
CA SER A 757 -12.59 -25.66 26.29
C SER A 757 -13.24 -25.34 24.95
N LYS A 758 -12.51 -24.64 24.06
CA LYS A 758 -13.00 -24.26 22.73
C LYS A 758 -12.96 -25.40 21.72
N ASN A 759 -12.09 -26.40 21.93
CA ASN A 759 -11.89 -27.49 20.99
C ASN A 759 -11.92 -28.80 21.73
N PRO A 760 -13.13 -29.32 22.02
CA PRO A 760 -13.22 -30.54 22.82
C PRO A 760 -12.81 -31.84 22.12
N GLY A 761 -12.28 -32.76 22.95
CA GLY A 761 -11.83 -34.07 22.53
C GLY A 761 -10.82 -34.05 21.39
N GLU A 762 -11.21 -34.65 20.27
CA GLU A 762 -10.34 -34.78 19.11
C GLU A 762 -10.02 -33.45 18.42
N ALA A 763 -10.82 -32.39 18.64
CA ALA A 763 -10.56 -31.09 18.01
C ALA A 763 -9.29 -30.39 18.51
N LEU A 764 -8.84 -30.67 19.76
CA LEU A 764 -7.64 -30.11 20.39
C LEU A 764 -6.37 -30.29 19.57
N ASP A 765 -6.16 -31.50 19.02
CA ASP A 765 -5.00 -31.82 18.20
C ASP A 765 -4.79 -30.84 17.05
N ARG A 766 -5.86 -30.52 16.32
CA ARG A 766 -5.76 -29.62 15.19
C ARG A 766 -5.59 -28.16 15.67
N ALA A 767 -6.17 -27.81 16.82
CA ALA A 767 -6.04 -26.47 17.40
C ALA A 767 -4.59 -26.22 17.84
N ILE A 768 -3.92 -27.23 18.42
CA ILE A 768 -2.51 -27.11 18.79
C ILE A 768 -1.63 -26.90 17.54
N GLU A 769 -1.94 -27.61 16.41
CA GLU A 769 -1.18 -27.47 15.18
C GLU A 769 -1.38 -26.10 14.51
N GLU A 770 -2.60 -25.52 14.64
CA GLU A 770 -2.90 -24.18 14.11
C GLU A 770 -2.04 -23.13 14.83
N PHE A 771 -1.86 -23.31 16.15
CA PHE A 771 -1.10 -22.44 17.01
C PHE A 771 0.37 -22.50 16.65
N THR A 772 0.89 -23.72 16.44
CA THR A 772 2.29 -23.97 16.13
C THR A 772 2.65 -23.31 14.85
N LEU A 773 1.84 -23.55 13.82
CA LEU A 773 2.02 -23.03 12.48
C LEU A 773 2.00 -21.52 12.50
N SER A 774 0.94 -20.87 13.07
CA SER A 774 0.81 -19.39 13.14
C SER A 774 1.87 -18.76 14.01
N CYS A 775 2.22 -19.44 15.11
CA CYS A 775 3.29 -19.02 15.99
C CYS A 775 4.61 -18.92 15.21
N ALA A 776 4.96 -19.97 14.43
CA ALA A 776 6.15 -20.01 13.60
C ALA A 776 6.15 -18.88 12.60
N GLY A 777 5.00 -18.60 12.01
CA GLY A 777 4.86 -17.54 11.03
C GLY A 777 5.07 -16.16 11.64
N TYR A 778 4.52 -15.92 12.85
CA TYR A 778 4.65 -14.62 13.52
C TYR A 778 6.00 -14.44 14.21
N CYS A 779 6.65 -15.52 14.62
CA CYS A 779 7.99 -15.44 15.21
C CYS A 779 8.97 -14.93 14.12
N VAL A 780 8.84 -15.50 12.91
CA VAL A 780 9.64 -15.12 11.74
C VAL A 780 9.27 -13.73 11.24
N ALA A 781 7.96 -13.45 11.07
CA ALA A 781 7.48 -12.15 10.60
C ALA A 781 7.91 -10.99 11.51
N THR A 782 7.76 -11.14 12.85
CA THR A 782 8.17 -10.07 13.78
C THR A 782 9.68 -9.97 13.87
N TYR A 783 10.41 -11.07 13.65
CA TYR A 783 11.86 -11.03 13.68
C TYR A 783 12.40 -10.24 12.48
N VAL A 784 12.02 -10.66 11.25
CA VAL A 784 12.40 -10.02 10.02
C VAL A 784 12.04 -8.51 10.05
N LEU A 785 10.78 -8.18 10.46
CA LEU A 785 10.36 -6.78 10.48
C LEU A 785 10.78 -5.95 11.68
N GLY A 786 11.52 -6.53 12.63
CA GLY A 786 11.98 -5.82 13.82
C GLY A 786 10.88 -5.22 14.65
N ILE A 787 9.78 -5.94 14.80
CA ILE A 787 8.65 -5.45 15.57
C ILE A 787 8.91 -5.85 16.98
N GLY A 788 9.21 -4.88 17.82
CA GLY A 788 9.46 -5.14 19.23
C GLY A 788 8.29 -4.69 20.08
N ASP A 789 8.51 -4.62 21.42
CA ASP A 789 7.48 -4.21 22.39
C ASP A 789 6.29 -5.20 22.32
N ARG A 790 6.63 -6.49 22.24
CA ARG A 790 5.65 -7.54 22.21
C ARG A 790 5.33 -7.94 23.64
N HIS A 791 4.05 -7.84 24.02
CA HIS A 791 3.55 -8.25 25.35
C HIS A 791 2.23 -9.04 25.23
N SER A 792 1.77 -9.65 26.31
CA SER A 792 0.54 -10.43 26.33
C SER A 792 -0.74 -9.68 25.89
N ASP A 793 -0.75 -8.32 25.90
CA ASP A 793 -1.93 -7.57 25.47
C ASP A 793 -1.91 -7.17 23.95
N ASN A 794 -0.83 -7.46 23.19
CA ASN A 794 -0.82 -7.18 21.75
C ASN A 794 -0.59 -8.45 20.88
N ILE A 795 -0.85 -9.61 21.49
CA ILE A 795 -0.83 -10.91 20.91
C ILE A 795 -2.21 -11.50 21.22
N MET A 796 -2.94 -11.92 20.15
CA MET A 796 -4.26 -12.53 20.25
C MET A 796 -4.29 -13.98 19.77
N ILE A 797 -5.28 -14.73 20.23
CA ILE A 797 -5.46 -16.10 19.80
C ILE A 797 -6.90 -16.36 19.46
N ARG A 798 -7.12 -17.05 18.37
CA ARG A 798 -8.43 -17.42 17.87
C ARG A 798 -8.89 -18.70 18.52
N GLU A 799 -10.21 -18.91 18.59
CA GLU A 799 -10.73 -20.16 19.16
C GLU A 799 -10.31 -21.41 18.40
N SER A 800 -9.85 -21.27 17.16
CA SER A 800 -9.34 -22.38 16.37
C SER A 800 -7.88 -22.76 16.71
N GLY A 801 -7.22 -21.99 17.56
CA GLY A 801 -5.82 -22.19 17.91
C GLY A 801 -4.89 -21.17 17.28
N GLN A 802 -5.35 -20.37 16.30
CA GLN A 802 -4.49 -19.43 15.59
C GLN A 802 -4.06 -18.20 16.37
N LEU A 803 -2.75 -17.99 16.42
CA LEU A 803 -2.15 -16.87 17.10
C LEU A 803 -1.92 -15.75 16.08
N PHE A 804 -2.07 -14.46 16.52
CA PHE A 804 -1.78 -13.33 15.66
C PHE A 804 -1.38 -12.10 16.49
N HIS A 805 -0.78 -11.11 15.83
CA HIS A 805 -0.35 -9.89 16.49
C HIS A 805 -1.17 -8.67 16.09
N ILE A 806 -1.32 -7.74 17.04
CA ILE A 806 -1.98 -6.45 16.85
C ILE A 806 -1.06 -5.29 17.35
N ASP A 807 -1.42 -4.01 17.11
CA ASP A 807 -0.68 -2.82 17.57
C ASP A 807 0.75 -2.72 17.07
N PHE A 808 0.88 -2.33 15.81
CA PHE A 808 2.19 -2.21 15.17
C PHE A 808 2.73 -0.79 15.14
N GLY A 809 2.93 -0.22 16.31
CA GLY A 809 3.48 1.11 16.42
C GLY A 809 4.98 1.19 16.19
N HIS A 810 5.70 0.06 16.35
CA HIS A 810 7.14 0.04 16.21
C HIS A 810 7.69 -1.12 15.38
N PHE A 811 8.48 -0.79 14.37
CA PHE A 811 9.11 -1.79 13.51
C PHE A 811 10.52 -1.32 13.08
N LEU A 812 11.23 -2.18 12.34
CA LEU A 812 12.58 -1.94 11.87
C LEU A 812 13.54 -1.56 12.98
N GLY A 813 13.34 -2.22 14.13
CA GLY A 813 14.13 -2.07 15.34
C GLY A 813 13.99 -0.76 16.06
N ASN A 814 13.26 0.21 15.47
CA ASN A 814 13.06 1.57 16.00
C ASN A 814 12.02 1.57 17.11
N ARG A 823 16.90 3.12 18.44
CA ARG A 823 16.89 2.09 17.40
C ARG A 823 17.65 0.82 17.83
N GLU A 824 16.97 -0.05 18.59
CA GLU A 824 17.56 -1.30 19.07
C GLU A 824 17.50 -2.42 18.01
N ARG A 825 18.27 -3.50 18.21
CA ARG A 825 18.22 -4.65 17.29
C ARG A 825 17.32 -5.68 17.99
N VAL A 826 16.10 -5.85 17.47
CA VAL A 826 15.15 -6.80 18.05
C VAL A 826 15.62 -8.23 17.80
N PRO A 827 15.85 -8.99 18.89
CA PRO A 827 16.27 -10.39 18.74
C PRO A 827 15.09 -11.30 18.33
N PHE A 828 15.38 -12.59 18.08
CA PHE A 828 14.30 -13.54 17.83
C PHE A 828 13.64 -13.79 19.21
N ILE A 829 12.32 -13.86 19.25
CA ILE A 829 11.59 -14.05 20.49
C ILE A 829 10.93 -15.44 20.53
N LEU A 830 11.17 -16.16 21.61
CA LEU A 830 10.53 -17.42 21.90
C LEU A 830 9.96 -17.23 23.30
N THR A 831 8.64 -17.34 23.42
CA THR A 831 7.96 -17.17 24.69
C THR A 831 7.64 -18.53 25.27
N TYR A 832 7.92 -18.75 26.56
CA TYR A 832 7.68 -20.02 27.22
C TYR A 832 6.23 -20.45 27.15
N ASP A 833 5.32 -19.53 27.29
CA ASP A 833 3.89 -19.80 27.29
C ASP A 833 3.46 -20.48 25.98
N PHE A 834 4.07 -20.07 24.87
CA PHE A 834 3.72 -20.59 23.56
C PHE A 834 4.48 -21.91 23.31
N VAL A 835 5.72 -22.04 23.83
CA VAL A 835 6.51 -23.26 23.76
C VAL A 835 5.75 -24.36 24.53
N HIS A 836 5.15 -24.02 25.66
CA HIS A 836 4.35 -24.94 26.44
C HIS A 836 3.14 -25.48 25.64
N VAL A 837 2.48 -24.63 24.82
CA VAL A 837 1.37 -25.07 23.97
C VAL A 837 1.89 -25.94 22.80
N ILE A 838 3.00 -25.52 22.20
CA ILE A 838 3.63 -26.23 21.09
C ILE A 838 4.04 -27.64 21.54
N GLN A 839 4.57 -27.75 22.77
CA GLN A 839 4.95 -29.02 23.35
C GLN A 839 3.80 -29.78 23.99
N GLN A 840 2.54 -29.46 23.63
CA GLN A 840 1.27 -30.06 24.06
C GLN A 840 1.07 -30.18 25.59
N GLY A 841 1.68 -29.28 26.35
CA GLY A 841 1.56 -29.30 27.81
C GLY A 841 2.70 -30.03 28.49
N LYS A 842 3.55 -30.72 27.71
CA LYS A 842 4.69 -31.48 28.24
C LYS A 842 5.93 -30.61 28.38
N THR A 843 6.75 -30.88 29.42
CA THR A 843 8.02 -30.21 29.75
C THR A 843 9.06 -30.50 28.65
N ASN A 844 9.09 -31.76 28.18
CA ASN A 844 10.00 -32.22 27.17
C ASN A 844 9.22 -32.88 26.03
N ASN A 845 9.26 -32.27 24.86
CA ASN A 845 8.57 -32.77 23.68
C ASN A 845 9.31 -32.24 22.46
N SER A 846 10.45 -32.87 22.18
CA SER A 846 11.35 -32.56 21.06
C SER A 846 10.75 -32.86 19.71
N GLU A 847 9.84 -33.83 19.66
CA GLU A 847 9.18 -34.18 18.42
C GLU A 847 8.32 -32.96 18.00
N LYS A 848 7.55 -32.39 18.93
CA LYS A 848 6.75 -31.19 18.65
C LYS A 848 7.57 -29.93 18.54
N PHE A 849 8.55 -29.72 19.44
CA PHE A 849 9.35 -28.49 19.37
C PHE A 849 10.17 -28.36 18.04
N GLU A 850 10.90 -29.40 17.65
CA GLU A 850 11.75 -29.33 16.45
C GLU A 850 10.95 -29.27 15.14
N ARG A 851 9.69 -29.74 15.15
CA ARG A 851 8.82 -29.56 13.99
C ARG A 851 8.53 -28.04 13.81
N PHE A 852 8.45 -27.30 14.93
CA PHE A 852 8.25 -25.87 15.01
C PHE A 852 9.51 -25.10 14.52
N ARG A 853 10.71 -25.53 14.93
CA ARG A 853 11.99 -24.95 14.46
C ARG A 853 12.11 -25.16 12.91
N GLY A 854 11.56 -26.25 12.40
CA GLY A 854 11.52 -26.51 10.96
C GLY A 854 10.56 -25.55 10.26
N TYR A 855 9.38 -25.33 10.82
CA TYR A 855 8.40 -24.38 10.25
C TYR A 855 9.01 -22.99 10.21
N CYS A 856 9.73 -22.59 11.27
CA CYS A 856 10.47 -21.33 11.36
C CYS A 856 11.56 -21.25 10.31
N GLU A 857 12.33 -22.33 10.11
CA GLU A 857 13.42 -22.33 9.15
C GLU A 857 12.96 -22.32 7.72
N ARG A 858 11.87 -23.05 7.39
CA ARG A 858 11.33 -23.03 6.04
C ARG A 858 10.87 -21.60 5.72
N ALA A 859 10.07 -20.97 6.66
CA ALA A 859 9.50 -19.64 6.49
C ALA A 859 10.57 -18.59 6.30
N TYR A 860 11.62 -18.64 7.14
CA TYR A 860 12.73 -17.71 7.04
C TYR A 860 13.45 -17.83 5.67
N THR A 861 13.77 -19.09 5.27
CA THR A 861 14.50 -19.31 4.03
C THR A 861 13.65 -18.98 2.80
N ILE A 862 12.31 -19.11 2.86
CA ILE A 862 11.47 -18.70 1.71
C ILE A 862 11.48 -17.15 1.55
N LEU A 863 11.50 -16.39 2.65
CA LEU A 863 11.51 -14.92 2.60
C LEU A 863 12.81 -14.34 2.10
N ARG A 864 13.94 -14.95 2.46
CA ARG A 864 15.29 -14.55 2.02
C ARG A 864 15.37 -14.62 0.50
N ARG A 865 14.77 -15.66 -0.12
CA ARG A 865 14.71 -15.83 -1.58
C ARG A 865 13.92 -14.69 -2.25
N HIS A 866 13.12 -13.92 -1.52
CA HIS A 866 12.38 -12.74 -1.99
C HIS A 866 12.87 -11.46 -1.35
N GLY A 867 14.09 -11.47 -0.79
CA GLY A 867 14.71 -10.34 -0.11
C GLY A 867 14.67 -9.06 -0.89
N LEU A 868 14.93 -9.16 -2.19
CA LEU A 868 14.92 -7.97 -3.05
C LEU A 868 13.52 -7.38 -3.27
N LEU A 869 12.46 -8.22 -3.23
CA LEU A 869 11.09 -7.73 -3.33
C LEU A 869 10.75 -6.88 -2.08
N PHE A 870 11.16 -7.30 -0.88
CA PHE A 870 10.89 -6.53 0.34
C PHE A 870 11.70 -5.26 0.35
N LEU A 871 12.97 -5.34 -0.07
CA LEU A 871 13.82 -4.16 -0.12
C LEU A 871 13.29 -3.12 -1.11
N HIS A 872 12.87 -3.55 -2.32
CA HIS A 872 12.31 -2.62 -3.30
C HIS A 872 11.01 -1.99 -2.80
N LEU A 873 10.13 -2.79 -2.19
CA LEU A 873 8.88 -2.27 -1.69
C LEU A 873 9.09 -1.29 -0.57
N PHE A 874 9.95 -1.61 0.38
CA PHE A 874 10.29 -0.70 1.47
C PHE A 874 11.01 0.57 0.98
N ALA A 875 11.76 0.49 -0.13
CA ALA A 875 12.44 1.67 -0.68
C ALA A 875 11.39 2.62 -1.23
N LEU A 876 10.37 2.09 -1.94
CA LEU A 876 9.31 2.95 -2.45
C LEU A 876 8.55 3.63 -1.33
N MET A 877 8.41 2.92 -0.17
CA MET A 877 7.67 3.39 1.01
C MET A 877 8.33 4.52 1.73
N ARG A 878 9.62 4.80 1.50
CA ARG A 878 10.28 5.97 2.11
C ARG A 878 9.55 7.28 1.78
N ALA A 879 8.78 7.30 0.65
CA ALA A 879 7.94 8.41 0.18
C ALA A 879 6.77 8.73 1.10
N ALA A 880 6.32 7.75 1.91
CA ALA A 880 5.15 7.97 2.78
C ALA A 880 5.37 8.98 3.89
N GLY A 881 6.63 9.22 4.25
CA GLY A 881 6.94 10.10 5.36
C GLY A 881 6.52 9.45 6.67
N LEU A 882 6.98 8.21 6.89
CA LEU A 882 6.74 7.48 8.14
C LEU A 882 8.00 7.65 8.96
N PRO A 883 7.87 8.18 10.18
CA PRO A 883 9.08 8.43 11.02
C PRO A 883 10.06 7.26 11.12
N GLU A 884 9.56 6.03 11.21
CA GLU A 884 10.43 4.85 11.31
C GLU A 884 10.83 4.23 9.96
N LEU A 885 10.59 4.95 8.85
CA LEU A 885 10.93 4.50 7.51
C LEU A 885 11.38 5.68 6.60
N SER A 886 12.46 6.39 6.97
CA SER A 886 12.91 7.56 6.21
C SER A 886 14.42 7.63 5.90
N CYS A 887 15.15 6.53 6.08
CA CYS A 887 16.60 6.54 5.84
C CYS A 887 17.09 5.16 5.37
N SER A 888 18.35 5.09 4.96
CA SER A 888 19.01 3.84 4.57
C SER A 888 19.20 2.93 5.79
N LYS A 889 19.27 3.50 7.02
CA LYS A 889 19.39 2.75 8.28
C LYS A 889 18.18 1.85 8.48
N ASP A 890 16.98 2.33 8.09
CA ASP A 890 15.76 1.54 8.23
C ASP A 890 15.74 0.38 7.25
N ILE A 891 16.20 0.60 6.02
CA ILE A 891 16.27 -0.44 4.98
C ILE A 891 17.42 -1.44 5.28
N GLN A 892 18.49 -0.95 5.93
CA GLN A 892 19.64 -1.74 6.35
C GLN A 892 19.17 -2.81 7.33
N TYR A 893 18.22 -2.46 8.20
CA TYR A 893 17.64 -3.36 9.17
C TYR A 893 17.11 -4.64 8.51
N LEU A 894 16.38 -4.50 7.39
CA LEU A 894 15.88 -5.68 6.68
C LEU A 894 16.96 -6.48 6.04
N LYS A 895 17.99 -5.80 5.52
CA LYS A 895 19.14 -6.44 4.90
C LYS A 895 19.85 -7.35 5.91
N ASP A 896 19.95 -6.91 7.17
CA ASP A 896 20.54 -7.70 8.26
C ASP A 896 19.61 -8.82 8.68
N SER A 897 18.31 -8.53 8.91
CA SER A 897 17.38 -9.57 9.37
C SER A 897 17.25 -10.69 8.36
N LEU A 898 17.25 -10.36 7.06
CA LEU A 898 17.20 -11.39 6.02
C LEU A 898 18.57 -11.93 5.65
N ALA A 899 19.67 -11.44 6.25
CA ALA A 899 21.06 -11.86 5.95
C ALA A 899 21.33 -11.90 4.44
N LEU A 900 20.93 -10.84 3.72
CA LEU A 900 21.03 -10.83 2.27
C LEU A 900 22.48 -10.75 1.72
N GLY A 901 23.43 -10.39 2.57
CA GLY A 901 24.84 -10.36 2.16
C GLY A 901 25.54 -11.71 2.30
N LYS A 902 24.80 -12.78 2.65
CA LYS A 902 25.34 -14.13 2.89
C LYS A 902 24.77 -15.19 1.94
N THR A 903 25.35 -16.38 1.96
CA THR A 903 24.86 -17.53 1.21
C THR A 903 23.71 -18.14 2.03
N GLU A 904 22.92 -19.05 1.44
CA GLU A 904 21.83 -19.67 2.19
C GLU A 904 22.32 -20.50 3.38
N GLU A 905 23.41 -21.27 3.21
CA GLU A 905 23.96 -22.07 4.31
C GLU A 905 24.39 -21.16 5.47
N GLU A 906 25.05 -20.04 5.16
CA GLU A 906 25.54 -19.12 6.17
C GLU A 906 24.41 -18.35 6.82
N ALA A 907 23.35 -18.03 6.07
CA ALA A 907 22.21 -17.33 6.65
C ALA A 907 21.42 -18.23 7.59
N LEU A 908 21.32 -19.51 7.25
CA LEU A 908 20.65 -20.48 8.08
C LEU A 908 21.40 -20.74 9.40
N LYS A 909 22.75 -20.73 9.36
CA LYS A 909 23.54 -20.90 10.58
C LYS A 909 23.37 -19.72 11.51
N HIS A 910 23.30 -18.51 10.95
CA HIS A 910 23.08 -17.28 11.71
C HIS A 910 21.65 -17.27 12.26
N PHE A 911 20.67 -17.79 11.51
CA PHE A 911 19.30 -17.85 11.99
C PHE A 911 19.20 -18.84 13.15
N ARG A 912 19.86 -20.00 13.03
CA ARG A 912 19.89 -21.00 14.09
C ARG A 912 20.51 -20.48 15.37
N VAL A 913 21.57 -19.66 15.26
CA VAL A 913 22.23 -19.03 16.39
C VAL A 913 21.30 -17.97 17.02
N LYS A 914 20.52 -17.25 16.21
CA LYS A 914 19.55 -16.29 16.73
C LYS A 914 18.41 -17.04 17.45
N PHE A 915 17.97 -18.17 16.88
CA PHE A 915 16.89 -19.01 17.38
C PHE A 915 17.31 -19.69 18.68
N ASN A 916 18.54 -20.25 18.73
CA ASN A 916 19.10 -20.90 19.92
C ASN A 916 19.26 -19.89 21.06
N GLU A 917 19.66 -18.66 20.74
CA GLU A 917 19.74 -17.60 21.74
C GLU A 917 18.36 -17.25 22.30
N ALA A 918 17.31 -17.32 21.48
CA ALA A 918 15.94 -17.04 21.89
C ALA A 918 15.38 -18.18 22.77
N LEU A 919 15.81 -19.42 22.50
CA LEU A 919 15.40 -20.57 23.27
C LEU A 919 16.01 -20.51 24.68
N ARG A 920 17.29 -20.08 24.77
CA ARG A 920 18.01 -19.90 26.03
C ARG A 920 17.36 -18.84 26.90
N GLU A 921 16.87 -17.76 26.28
CA GLU A 921 16.16 -16.65 26.91
C GLU A 921 14.79 -17.13 27.41
N SER A 922 14.10 -17.97 26.61
CA SER A 922 12.82 -18.59 26.92
C SER A 922 12.95 -19.47 28.19
N TRP A 923 14.11 -20.15 28.34
CA TRP A 923 14.41 -21.01 29.48
C TRP A 923 14.77 -20.28 30.75
N LYS A 924 15.04 -18.97 30.70
CA LYS A 924 15.25 -18.20 31.93
C LYS A 924 13.90 -18.10 32.71
N THR A 925 12.76 -18.19 32.00
CA THR A 925 11.42 -18.24 32.55
C THR A 925 11.05 -19.70 32.92
N LYS A 926 11.61 -20.70 32.21
CA LYS A 926 11.38 -22.12 32.48
C LYS A 926 12.20 -22.63 33.69
N VAL A 927 13.28 -21.92 34.07
CA VAL A 927 14.07 -22.27 35.25
C VAL A 927 13.23 -21.96 36.50
N ASN A 928 12.56 -20.77 36.50
CA ASN A 928 11.68 -20.40 37.61
C ASN A 928 10.22 -20.75 37.30
#